data_1PYD
#
_entry.id   1PYD
#
_cell.length_a   141.950
_cell.length_b   74.670
_cell.length_c   119.950
_cell.angle_alpha   90.00
_cell.angle_beta   116.39
_cell.angle_gamma   90.00
#
_symmetry.space_group_name_H-M   'C 1 2 1'
#
loop_
_entity.id
_entity.type
_entity.pdbx_description
1 polymer 'PYRUVATE DECARBOXYLASE'
2 non-polymer 'MAGNESIUM ION'
3 non-polymer 'THIAMINE DIPHOSPHATE'
4 water water
#
_entity_poly.entity_id   1
_entity_poly.type   'polypeptide(L)'
_entity_poly.pdbx_seq_one_letter_code
;MSEITLGKYLFERLKQVNVNTVFGLPGDFNLSLLDKIYEVEGMRWAGNANELNAAYAADGYARIKGMSCIITTFGVGELS
ALNGIAGSYAEHVGVLHVVGVPSISSQAKQLLLHHTLGNGDFTVFHRMSANISETTAMITDIATAPAEIDRCIRTTYVTQ
RPVYLGLPANLVDLNVPAKLLQTPIDMSLKPNDAESEKEVIDTILALVKDAKNPVILADACCSRHDVKAETKKLIDLTQF
PAFVTPMGKGSISEQHPRYGGVYVGTLSKPEVKEAVESADLILSVGALLSDFNTGSFSYSYKTKNIVEFHSDHMKIRNAT
FPGVQMKFVLQKLLTNIADAAKGYKPVAVPARTPANAAVPASTPLKQEWMWNQLGNFLQEGDVVIAETGTSAFGINQTTF
PNNTYGISQVLWGSIGFTTGATLGAAFAAEEIDPKKRVILFIGDGSLQLTVQEISTMIRWGLKPYLFVLNNDGYTIEKLI
HGPKAQYNEIQGWDHLSLLPTFGAKDYETHRVATTGEWDKLTQDKSFNDNSKIRMIEIMLPVFDAPQNLVKQAKLT
;
_entity_poly.pdbx_strand_id   A,B
#
# COMPACT_ATOMS: atom_id res chain seq x y z
N SER A 2 -12.95 27.74 30.19
CA SER A 2 -12.08 27.44 29.03
C SER A 2 -12.60 26.08 28.45
N GLU A 3 -12.56 26.11 27.17
CA GLU A 3 -12.95 24.98 26.32
C GLU A 3 -11.76 24.82 25.41
N ILE A 4 -11.74 23.73 24.75
CA ILE A 4 -10.77 23.29 23.73
C ILE A 4 -11.64 22.53 22.74
N THR A 5 -11.22 22.49 21.51
CA THR A 5 -11.90 21.71 20.43
C THR A 5 -11.58 20.23 20.67
N LEU A 6 -12.43 19.33 20.22
CA LEU A 6 -12.24 17.88 20.35
C LEU A 6 -10.91 17.50 19.71
N GLY A 7 -10.70 18.12 18.57
CA GLY A 7 -9.50 18.02 17.74
C GLY A 7 -8.23 18.35 18.48
N LYS A 8 -8.13 19.44 19.18
CA LYS A 8 -6.90 19.84 19.96
C LYS A 8 -6.78 18.88 21.15
N TYR A 9 -7.88 18.58 21.81
CA TYR A 9 -8.03 17.62 22.88
C TYR A 9 -7.15 16.40 22.53
N LEU A 10 -7.36 15.65 21.46
CA LEU A 10 -6.61 14.51 21.02
C LEU A 10 -5.10 14.68 21.00
N PHE A 11 -4.64 15.78 20.43
CA PHE A 11 -3.19 16.06 20.34
C PHE A 11 -2.54 16.30 21.70
N GLU A 12 -3.34 16.87 22.54
CA GLU A 12 -2.98 17.21 23.92
C GLU A 12 -2.82 15.93 24.76
N ARG A 13 -3.73 15.04 24.56
CA ARG A 13 -3.73 13.72 25.26
C ARG A 13 -2.54 12.97 24.70
N LEU A 14 -2.37 12.97 23.42
CA LEU A 14 -1.22 12.33 22.71
C LEU A 14 0.11 12.73 23.31
N LYS A 15 0.26 14.02 23.51
CA LYS A 15 1.43 14.67 24.10
C LYS A 15 1.56 14.20 25.56
N GLN A 16 0.42 14.00 26.19
CA GLN A 16 0.43 13.48 27.60
C GLN A 16 1.08 12.11 27.59
N VAL A 17 0.86 11.31 26.55
CA VAL A 17 1.47 9.97 26.50
C VAL A 17 2.77 10.03 25.73
N ASN A 18 3.38 11.18 25.61
CA ASN A 18 4.58 11.42 24.85
C ASN A 18 4.68 11.03 23.38
N VAL A 19 3.62 11.29 22.63
CA VAL A 19 3.53 11.09 21.18
C VAL A 19 3.75 12.52 20.66
N ASN A 20 4.88 12.82 20.07
CA ASN A 20 5.18 14.16 19.59
C ASN A 20 5.16 14.36 18.08
N THR A 21 5.19 13.27 17.36
CA THR A 21 5.17 13.16 15.92
C THR A 21 3.98 12.33 15.49
N VAL A 22 3.24 12.80 14.52
CA VAL A 22 2.07 12.08 14.00
C VAL A 22 2.42 11.83 12.52
N PHE A 23 2.11 10.67 12.06
CA PHE A 23 2.23 10.07 10.74
C PHE A 23 0.91 10.09 10.01
N GLY A 24 0.96 9.90 8.71
CA GLY A 24 -0.30 9.89 7.90
C GLY A 24 -0.21 10.79 6.67
N LEU A 25 -1.33 11.04 6.01
CA LEU A 25 -1.41 11.91 4.86
C LEU A 25 -2.75 12.63 4.97
N PRO A 26 -2.73 13.87 4.50
CA PRO A 26 -3.95 14.67 4.51
C PRO A 26 -4.89 14.11 3.48
N GLY A 27 -6.17 14.41 3.64
CA GLY A 27 -7.20 14.01 2.67
C GLY A 27 -8.48 14.83 2.98
N ASP A 28 -9.45 14.66 2.12
CA ASP A 28 -10.75 15.30 2.11
C ASP A 28 -11.36 15.41 3.51
N PHE A 29 -11.18 14.39 4.35
CA PHE A 29 -11.84 14.41 5.63
C PHE A 29 -11.00 14.51 6.89
N ASN A 30 -9.76 14.88 6.81
CA ASN A 30 -8.93 15.03 8.02
C ASN A 30 -8.32 16.40 8.17
N LEU A 31 -8.48 17.29 7.21
CA LEU A 31 -7.90 18.63 7.16
C LEU A 31 -8.05 19.51 8.37
N SER A 32 -9.26 19.65 8.83
CA SER A 32 -9.63 20.45 10.02
C SER A 32 -9.00 20.06 11.35
N LEU A 33 -8.69 18.85 11.60
CA LEU A 33 -8.07 18.06 12.62
C LEU A 33 -6.57 18.29 12.48
N LEU A 34 -5.99 18.20 11.29
CA LEU A 34 -4.54 18.44 11.14
C LEU A 34 -4.16 19.87 11.54
N ASP A 35 -5.04 20.82 11.27
CA ASP A 35 -4.85 22.23 11.62
C ASP A 35 -4.53 22.26 13.12
N LYS A 36 -5.27 21.48 13.89
CA LYS A 36 -5.06 21.44 15.33
C LYS A 36 -3.66 21.04 15.72
N ILE A 37 -2.89 20.25 15.01
CA ILE A 37 -1.53 19.86 15.36
C ILE A 37 -0.61 21.04 15.69
N TYR A 38 -0.66 22.05 14.88
CA TYR A 38 0.12 23.30 14.99
C TYR A 38 -0.35 24.23 16.12
N GLU A 39 -1.46 23.99 16.79
CA GLU A 39 -1.93 24.82 17.93
C GLU A 39 -1.46 24.23 19.28
N VAL A 40 -0.71 23.15 19.18
CA VAL A 40 -0.17 22.41 20.33
C VAL A 40 1.33 22.43 20.06
N GLU A 41 2.09 22.80 21.06
CA GLU A 41 3.54 22.96 21.01
C GLU A 41 4.21 21.64 21.28
N GLY A 42 5.31 21.38 20.60
CA GLY A 42 6.06 20.12 20.72
C GLY A 42 5.54 19.04 19.77
N MET A 43 4.39 19.26 19.15
CA MET A 43 3.78 18.30 18.20
C MET A 43 4.17 18.74 16.78
N ARG A 44 4.31 17.78 15.87
CA ARG A 44 4.66 18.04 14.47
C ARG A 44 4.00 16.92 13.64
N TRP A 45 3.75 17.19 12.41
CA TRP A 45 3.18 16.40 11.37
C TRP A 45 4.34 16.02 10.48
N ALA A 46 4.59 14.73 10.29
CA ALA A 46 5.70 14.32 9.45
C ALA A 46 5.54 14.61 7.96
N GLY A 47 4.40 14.59 7.40
CA GLY A 47 4.15 14.76 5.96
C GLY A 47 4.80 13.55 5.22
N ASN A 48 4.22 12.39 5.47
CA ASN A 48 4.72 11.13 4.85
C ASN A 48 4.54 11.07 3.31
N ALA A 49 5.25 10.26 2.59
CA ALA A 49 5.15 10.11 1.13
C ALA A 49 4.10 9.15 0.70
N ASN A 50 3.56 8.32 1.58
CA ASN A 50 2.46 7.38 1.40
C ASN A 50 1.93 6.82 2.72
N GLU A 51 0.71 6.32 2.65
CA GLU A 51 -0.01 5.78 3.82
C GLU A 51 0.54 4.47 4.34
N LEU A 52 0.95 3.57 3.47
CA LEU A 52 1.52 2.30 3.88
C LEU A 52 2.84 2.63 4.66
N ASN A 53 3.61 3.56 4.12
CA ASN A 53 4.90 4.01 4.62
C ASN A 53 4.65 4.74 5.93
N ALA A 54 3.56 5.46 6.05
CA ALA A 54 3.19 6.19 7.24
C ALA A 54 2.84 5.17 8.36
N ALA A 55 2.16 4.11 8.03
CA ALA A 55 1.79 3.05 8.97
C ALA A 55 3.06 2.40 9.51
N TYR A 56 3.96 2.10 8.60
CA TYR A 56 5.26 1.50 9.03
C TYR A 56 6.08 2.37 9.98
N ALA A 57 6.04 3.68 9.79
CA ALA A 57 6.86 4.61 10.59
C ALA A 57 6.31 4.73 12.02
N ALA A 58 4.98 4.80 12.10
CA ALA A 58 4.25 4.88 13.38
C ALA A 58 4.64 3.66 14.22
N ASP A 59 4.73 2.53 13.55
CA ASP A 59 5.10 1.22 14.11
C ASP A 59 6.49 1.48 14.66
N GLY A 60 7.49 1.75 13.83
CA GLY A 60 8.80 2.01 14.40
C GLY A 60 8.92 3.01 15.53
N TYR A 61 8.23 4.14 15.38
CA TYR A 61 8.26 5.22 16.35
C TYR A 61 7.66 4.64 17.66
N ALA A 62 6.65 3.87 17.50
CA ALA A 62 5.93 3.20 18.61
C ALA A 62 6.84 2.28 19.37
N ARG A 63 7.69 1.58 18.63
CA ARG A 63 8.65 0.64 19.18
C ARG A 63 9.68 1.36 20.02
N ILE A 64 9.97 2.59 19.70
CA ILE A 64 11.01 3.41 20.40
C ILE A 64 10.35 4.24 21.47
N LYS A 65 9.22 4.86 21.20
CA LYS A 65 8.60 5.75 22.22
C LYS A 65 7.57 5.13 23.14
N GLY A 66 6.95 4.06 22.71
CA GLY A 66 5.94 3.36 23.52
C GLY A 66 4.58 3.38 22.90
N MET A 67 4.35 4.29 21.94
CA MET A 67 3.10 4.39 21.23
C MET A 67 3.24 5.39 20.05
N SER A 68 2.29 5.34 19.12
CA SER A 68 2.34 6.24 17.98
C SER A 68 0.94 6.56 17.47
N CYS A 69 0.90 7.49 16.52
CA CYS A 69 -0.41 7.86 15.93
C CYS A 69 -0.27 8.14 14.45
N ILE A 70 -1.25 7.63 13.72
CA ILE A 70 -1.28 7.90 12.25
C ILE A 70 -2.68 8.33 11.89
N ILE A 71 -2.77 9.42 11.14
CA ILE A 71 -4.04 9.96 10.65
C ILE A 71 -4.11 9.80 9.14
N THR A 72 -5.21 9.18 8.73
CA THR A 72 -5.62 8.86 7.37
C THR A 72 -7.02 9.34 7.05
N THR A 73 -7.36 9.40 5.79
CA THR A 73 -8.67 9.84 5.35
C THR A 73 -9.48 8.65 4.80
N PHE A 74 -10.76 8.84 4.97
CA PHE A 74 -11.80 7.90 4.61
C PHE A 74 -11.48 7.12 3.38
N GLY A 75 -11.47 5.76 3.48
CA GLY A 75 -11.23 4.92 2.31
C GLY A 75 -9.90 4.72 1.73
N VAL A 76 -9.53 5.80 0.95
CA VAL A 76 -8.26 5.85 0.19
C VAL A 76 -7.10 5.84 1.12
N GLY A 77 -7.17 6.55 2.22
CA GLY A 77 -5.98 6.62 3.12
C GLY A 77 -5.91 5.41 4.03
N GLU A 78 -7.04 5.07 4.66
CA GLU A 78 -7.10 3.97 5.58
C GLU A 78 -6.83 2.63 4.95
N LEU A 79 -7.33 2.28 3.83
CA LEU A 79 -7.06 1.03 3.13
C LEU A 79 -5.60 0.92 2.68
N SER A 80 -4.89 1.98 2.43
CA SER A 80 -3.48 1.90 2.02
C SER A 80 -2.58 1.57 3.22
N ALA A 81 -3.10 1.85 4.38
CA ALA A 81 -2.26 1.60 5.60
C ALA A 81 -2.39 0.20 6.16
N LEU A 82 -3.49 -0.48 5.83
CA LEU A 82 -3.82 -1.82 6.35
C LEU A 82 -2.72 -2.82 6.53
N ASN A 83 -1.77 -2.97 5.64
CA ASN A 83 -0.66 -3.93 5.77
C ASN A 83 0.28 -3.51 6.91
N GLY A 84 0.37 -2.23 7.22
CA GLY A 84 1.22 -1.74 8.30
C GLY A 84 0.58 -2.10 9.65
N ILE A 85 -0.67 -1.73 9.86
CA ILE A 85 -1.54 -1.98 11.01
C ILE A 85 -1.65 -3.48 11.24
N ALA A 86 -1.69 -4.34 10.20
CA ALA A 86 -1.78 -5.77 10.37
C ALA A 86 -0.49 -6.27 11.08
N GLY A 87 0.59 -5.70 10.67
CA GLY A 87 1.91 -6.07 11.21
C GLY A 87 2.17 -5.59 12.61
N SER A 88 1.49 -4.50 12.98
CA SER A 88 1.58 -3.90 14.32
C SER A 88 0.79 -4.79 15.26
N TYR A 89 -0.32 -5.23 14.74
CA TYR A 89 -1.24 -6.16 15.40
C TYR A 89 -0.51 -7.47 15.64
N ALA A 90 0.01 -8.06 14.59
CA ALA A 90 0.77 -9.33 14.73
C ALA A 90 1.93 -9.27 15.72
N GLU A 91 2.65 -8.15 15.79
CA GLU A 91 3.85 -8.07 16.64
C GLU A 91 3.78 -7.31 17.92
N HIS A 92 2.65 -6.80 18.30
CA HIS A 92 2.31 -6.09 19.49
C HIS A 92 2.91 -4.71 19.58
N VAL A 93 2.50 -3.87 18.65
CA VAL A 93 3.00 -2.47 18.62
C VAL A 93 1.78 -1.58 18.83
N GLY A 94 1.72 -0.83 19.91
CA GLY A 94 0.49 0.02 20.10
C GLY A 94 0.40 1.18 19.09
N VAL A 95 -0.25 1.04 17.97
CA VAL A 95 -0.40 2.10 16.99
C VAL A 95 -1.81 2.63 17.03
N LEU A 96 -2.04 3.92 17.26
CA LEU A 96 -3.41 4.48 17.27
C LEU A 96 -3.55 4.96 15.85
N HIS A 97 -4.57 4.49 15.19
CA HIS A 97 -4.91 4.82 13.79
C HIS A 97 -6.22 5.59 13.78
N VAL A 98 -6.16 6.84 13.59
CA VAL A 98 -7.15 7.89 13.47
C VAL A 98 -7.40 8.15 11.97
N VAL A 99 -8.70 8.12 11.71
CA VAL A 99 -9.25 8.35 10.36
C VAL A 99 -10.42 9.29 10.34
N GLY A 100 -10.24 10.38 9.59
CA GLY A 100 -11.21 11.44 9.35
C GLY A 100 -12.30 10.83 8.45
N VAL A 101 -13.55 11.01 8.89
CA VAL A 101 -14.69 10.40 8.11
C VAL A 101 -15.73 11.44 7.73
N PRO A 102 -16.55 11.12 6.74
CA PRO A 102 -17.61 12.01 6.24
C PRO A 102 -18.31 12.48 7.49
N SER A 103 -18.58 13.73 7.40
CA SER A 103 -19.22 14.70 8.25
C SER A 103 -20.52 14.26 8.87
N ILE A 104 -20.68 13.06 9.34
CA ILE A 104 -21.80 12.41 9.97
C ILE A 104 -22.94 12.46 8.92
N SER A 105 -22.40 12.35 7.71
CA SER A 105 -23.34 12.41 6.54
C SER A 105 -23.41 11.10 5.74
N HIS A 114 -18.03 8.83 -3.21
CA HIS A 114 -16.75 9.55 -3.33
C HIS A 114 -15.71 9.01 -2.37
N HIS A 115 -14.96 8.01 -2.85
CA HIS A 115 -14.00 7.31 -1.98
C HIS A 115 -14.90 6.28 -1.27
N THR A 116 -15.90 5.84 -2.04
CA THR A 116 -16.88 4.84 -1.59
C THR A 116 -16.99 3.82 -2.70
N LEU A 117 -17.39 2.62 -2.41
CA LEU A 117 -17.62 1.52 -3.35
C LEU A 117 -18.93 1.75 -4.10
N GLY A 118 -19.49 2.93 -4.26
CA GLY A 118 -20.76 3.18 -4.94
C GLY A 118 -22.07 2.66 -4.39
N ASN A 119 -22.08 2.10 -3.20
CA ASN A 119 -23.19 1.43 -2.53
C ASN A 119 -23.94 2.01 -1.36
N GLY A 120 -23.56 3.13 -0.83
CA GLY A 120 -24.10 3.87 0.26
C GLY A 120 -23.64 3.48 1.67
N ASP A 121 -22.72 2.55 1.75
CA ASP A 121 -22.16 1.98 2.96
C ASP A 121 -20.89 2.61 3.47
N PHE A 122 -21.02 3.31 4.56
CA PHE A 122 -20.05 4.07 5.32
C PHE A 122 -19.27 3.31 6.39
N THR A 123 -19.61 2.07 6.63
CA THR A 123 -18.97 1.23 7.62
C THR A 123 -18.08 0.13 7.04
N VAL A 124 -18.03 -0.11 5.77
CA VAL A 124 -17.20 -1.19 5.20
C VAL A 124 -15.72 -1.18 5.65
N PHE A 125 -15.06 -0.10 5.53
CA PHE A 125 -13.68 0.15 5.85
C PHE A 125 -13.48 -0.04 7.38
N HIS A 126 -14.34 0.59 8.12
CA HIS A 126 -14.41 0.46 9.57
C HIS A 126 -14.46 -1.02 9.91
N ARG A 127 -15.32 -1.85 9.37
CA ARG A 127 -15.44 -3.27 9.62
C ARG A 127 -14.24 -4.08 9.14
N MET A 128 -13.58 -3.63 8.08
CA MET A 128 -12.37 -4.33 7.58
C MET A 128 -11.22 -4.23 8.56
N SER A 129 -11.04 -3.07 9.14
CA SER A 129 -10.01 -2.80 10.15
C SER A 129 -10.37 -3.52 11.45
N ALA A 130 -11.61 -3.67 11.82
CA ALA A 130 -12.09 -4.33 13.04
C ALA A 130 -11.42 -5.68 13.20
N ASN A 131 -10.92 -6.29 12.16
CA ASN A 131 -10.26 -7.56 12.11
C ASN A 131 -8.82 -7.55 12.58
N ILE A 132 -8.14 -6.40 12.41
CA ILE A 132 -6.74 -6.26 12.82
C ILE A 132 -6.58 -5.24 13.93
N SER A 133 -7.57 -4.97 14.76
CA SER A 133 -7.47 -3.98 15.85
C SER A 133 -7.84 -4.67 17.18
N GLU A 134 -7.54 -4.06 18.29
CA GLU A 134 -7.90 -4.56 19.63
C GLU A 134 -9.31 -4.08 19.99
N THR A 135 -9.59 -2.87 19.55
CA THR A 135 -10.88 -2.22 19.74
C THR A 135 -11.02 -1.15 18.69
N THR A 136 -12.22 -0.79 18.38
CA THR A 136 -12.57 0.25 17.42
C THR A 136 -13.57 1.24 18.07
N ALA A 137 -13.46 2.49 17.67
CA ALA A 137 -14.37 3.55 18.10
C ALA A 137 -14.73 4.25 16.78
N MET A 138 -15.98 4.54 16.61
CA MET A 138 -16.50 5.37 15.52
C MET A 138 -17.23 6.47 16.35
N ILE A 139 -16.65 7.62 16.56
CA ILE A 139 -17.26 8.70 17.32
C ILE A 139 -18.40 9.46 16.59
N THR A 140 -19.52 9.43 17.31
CA THR A 140 -20.73 10.15 16.83
C THR A 140 -21.33 11.19 17.78
N ASP A 141 -20.88 11.42 18.97
CA ASP A 141 -21.48 12.41 19.91
C ASP A 141 -20.39 13.17 20.66
N ILE A 142 -20.39 14.47 20.84
CA ILE A 142 -19.30 15.14 21.62
C ILE A 142 -19.38 14.84 23.12
N ALA A 143 -20.53 14.70 23.72
CA ALA A 143 -20.70 14.40 25.14
C ALA A 143 -19.96 13.14 25.58
N THR A 144 -19.78 12.23 24.66
CA THR A 144 -19.09 10.93 24.81
C THR A 144 -17.67 10.93 24.26
N ALA A 145 -17.38 11.85 23.33
CA ALA A 145 -16.02 11.86 22.73
C ALA A 145 -14.82 11.79 23.63
N PRO A 146 -14.60 12.67 24.57
CA PRO A 146 -13.43 12.66 25.46
C PRO A 146 -13.15 11.29 26.05
N ALA A 147 -14.08 10.70 26.71
CA ALA A 147 -14.02 9.37 27.33
C ALA A 147 -13.55 8.38 26.29
N GLU A 148 -14.20 8.29 25.16
CA GLU A 148 -13.97 7.47 24.01
C GLU A 148 -12.59 7.45 23.46
N ILE A 149 -11.99 8.60 23.37
CA ILE A 149 -10.67 8.99 22.91
C ILE A 149 -9.70 8.52 23.99
N ASP A 150 -10.05 8.83 25.23
CA ASP A 150 -9.22 8.40 26.38
C ASP A 150 -9.12 6.86 26.34
N ARG A 151 -10.27 6.28 26.16
CA ARG A 151 -10.40 4.80 26.07
C ARG A 151 -9.54 4.23 24.95
N CYS A 152 -9.59 4.79 23.74
CA CYS A 152 -8.72 4.27 22.66
C CYS A 152 -7.23 4.41 22.95
N ILE A 153 -6.78 5.48 23.53
CA ILE A 153 -5.39 5.74 23.91
C ILE A 153 -4.89 4.74 24.97
N ARG A 154 -5.67 4.53 25.99
CA ARG A 154 -5.42 3.58 27.07
C ARG A 154 -5.16 2.19 26.46
N THR A 155 -6.10 1.67 25.73
CA THR A 155 -6.08 0.36 25.07
C THR A 155 -4.84 0.16 24.21
N THR A 156 -4.58 1.08 23.30
CA THR A 156 -3.41 1.03 22.41
C THR A 156 -2.12 0.87 23.22
N TYR A 157 -2.03 1.76 24.19
CA TYR A 157 -0.87 1.79 25.11
C TYR A 157 -0.75 0.57 25.98
N VAL A 158 -1.80 0.15 26.65
CA VAL A 158 -1.86 -0.98 27.57
C VAL A 158 -1.69 -2.35 26.91
N THR A 159 -2.53 -2.57 25.90
CA THR A 159 -2.44 -3.85 25.18
C THR A 159 -1.32 -3.84 24.16
N GLN A 160 -0.82 -2.74 23.69
CA GLN A 160 0.23 -2.62 22.68
C GLN A 160 -0.27 -3.38 21.45
N ARG A 161 -1.35 -2.90 20.90
CA ARG A 161 -2.15 -3.32 19.74
C ARG A 161 -2.77 -2.04 19.15
N PRO A 162 -3.02 -2.07 17.87
CA PRO A 162 -3.63 -0.95 17.11
C PRO A 162 -5.09 -0.83 17.45
N VAL A 163 -5.59 0.39 17.37
CA VAL A 163 -6.98 0.73 17.67
C VAL A 163 -7.42 1.62 16.52
N TYR A 164 -8.67 1.53 16.15
CA TYR A 164 -9.22 2.33 15.06
C TYR A 164 -10.09 3.34 15.77
N LEU A 165 -9.86 4.60 15.49
CA LEU A 165 -10.59 5.73 16.01
C LEU A 165 -11.06 6.51 14.77
N GLY A 166 -12.26 6.35 14.35
CA GLY A 166 -12.96 7.02 13.25
C GLY A 166 -13.53 8.28 13.93
N LEU A 167 -13.26 9.43 13.33
CA LEU A 167 -13.66 10.73 13.76
C LEU A 167 -14.24 11.65 12.66
N PRO A 168 -15.53 11.77 12.61
CA PRO A 168 -16.24 12.62 11.65
C PRO A 168 -15.70 14.03 11.64
N ALA A 169 -15.73 14.61 10.45
CA ALA A 169 -15.21 15.94 10.22
C ALA A 169 -15.94 17.02 11.01
N ASN A 170 -17.23 16.91 11.19
CA ASN A 170 -18.03 17.89 11.94
C ASN A 170 -17.64 18.00 13.40
N LEU A 171 -17.52 16.95 14.16
CA LEU A 171 -17.14 16.95 15.57
C LEU A 171 -15.77 17.45 15.98
N VAL A 172 -14.81 17.54 15.08
CA VAL A 172 -13.45 17.92 15.50
C VAL A 172 -13.36 19.35 15.94
N ASP A 173 -14.36 20.11 15.58
CA ASP A 173 -14.54 21.51 15.77
C ASP A 173 -15.41 21.99 16.91
N LEU A 174 -16.09 21.03 17.51
CA LEU A 174 -16.95 21.32 18.66
C LEU A 174 -16.02 21.24 19.87
N ASN A 175 -16.34 22.09 20.78
CA ASN A 175 -15.74 22.37 22.04
C ASN A 175 -16.08 21.36 23.12
N VAL A 176 -14.98 21.19 23.85
CA VAL A 176 -14.94 20.23 24.98
C VAL A 176 -14.25 20.96 26.12
N PRO A 177 -14.66 20.68 27.33
CA PRO A 177 -14.09 21.26 28.55
C PRO A 177 -12.61 20.98 28.68
N ALA A 178 -11.75 21.97 28.77
CA ALA A 178 -10.32 21.87 28.88
C ALA A 178 -9.84 21.19 30.17
N LYS A 179 -10.70 21.30 31.13
CA LYS A 179 -10.62 20.76 32.50
C LYS A 179 -10.33 19.25 32.45
N LEU A 180 -10.92 18.61 31.45
CA LEU A 180 -10.77 17.15 31.26
C LEU A 180 -9.36 16.63 31.22
N LEU A 181 -8.48 17.37 30.63
CA LEU A 181 -7.05 17.08 30.51
C LEU A 181 -6.30 17.15 31.82
N GLN A 182 -6.84 17.83 32.82
CA GLN A 182 -6.16 17.94 34.13
C GLN A 182 -6.05 16.61 34.84
N THR A 183 -6.90 15.68 34.50
CA THR A 183 -6.96 14.29 34.99
C THR A 183 -6.36 13.37 33.91
N PRO A 184 -5.21 12.80 34.23
CA PRO A 184 -4.48 11.92 33.31
C PRO A 184 -5.22 10.63 33.07
N ILE A 185 -4.84 9.96 31.99
CA ILE A 185 -5.49 8.72 31.59
C ILE A 185 -4.83 7.68 32.51
N ASP A 186 -5.64 6.89 33.16
CA ASP A 186 -5.14 5.84 34.06
C ASP A 186 -4.69 4.68 33.18
N MET A 187 -3.42 4.34 33.24
CA MET A 187 -2.88 3.23 32.47
C MET A 187 -2.69 1.99 33.35
N SER A 188 -3.32 1.90 34.50
CA SER A 188 -3.16 0.79 35.43
C SER A 188 -4.06 -0.43 35.20
N LEU A 189 -3.40 -1.57 35.23
CA LEU A 189 -4.02 -2.87 35.02
C LEU A 189 -4.91 -3.39 36.16
N LYS A 190 -5.78 -4.27 35.73
CA LYS A 190 -6.69 -5.01 36.58
C LYS A 190 -5.81 -6.06 37.27
N PRO A 191 -5.99 -6.25 38.55
CA PRO A 191 -5.22 -7.26 39.27
C PRO A 191 -5.62 -8.60 38.70
N ASN A 192 -4.91 -9.64 38.98
CA ASN A 192 -5.22 -11.01 38.55
C ASN A 192 -6.11 -11.68 39.61
N ASP A 193 -6.58 -12.83 39.17
CA ASP A 193 -7.36 -13.79 39.99
C ASP A 193 -6.31 -14.09 41.07
N ALA A 194 -6.70 -13.94 42.32
CA ALA A 194 -5.75 -14.17 43.41
C ALA A 194 -5.30 -15.60 43.45
N GLU A 195 -6.17 -16.58 43.44
CA GLU A 195 -5.87 -18.01 43.45
C GLU A 195 -5.10 -18.45 42.27
N SER A 196 -5.36 -18.07 41.01
CA SER A 196 -4.46 -18.51 39.92
C SER A 196 -3.12 -17.77 39.97
N GLU A 197 -3.06 -16.49 40.37
CA GLU A 197 -1.67 -15.91 40.38
C GLU A 197 -0.85 -16.60 41.46
N LYS A 198 -1.48 -17.00 42.55
CA LYS A 198 -0.74 -17.74 43.63
C LYS A 198 -0.27 -19.07 43.16
N GLU A 199 -1.11 -19.82 42.47
CA GLU A 199 -0.83 -21.13 41.89
C GLU A 199 0.47 -21.07 41.05
N VAL A 200 0.44 -20.09 40.15
CA VAL A 200 1.58 -19.88 39.21
C VAL A 200 2.89 -19.55 39.90
N ILE A 201 2.85 -18.65 40.86
CA ILE A 201 3.98 -18.16 41.65
C ILE A 201 4.53 -19.30 42.48
N ASP A 202 3.66 -19.99 43.26
CA ASP A 202 4.29 -21.10 44.05
C ASP A 202 4.99 -22.15 43.19
N THR A 203 4.37 -22.42 42.06
CA THR A 203 4.89 -23.42 41.13
C THR A 203 6.18 -23.01 40.47
N ILE A 204 6.36 -21.77 40.15
CA ILE A 204 7.63 -21.32 39.50
C ILE A 204 8.76 -21.47 40.52
N LEU A 205 8.52 -20.83 41.64
CA LEU A 205 9.55 -20.89 42.76
C LEU A 205 9.93 -22.35 42.93
N ALA A 206 8.94 -23.24 42.94
CA ALA A 206 9.17 -24.69 43.03
C ALA A 206 10.10 -25.27 41.98
N LEU A 207 9.93 -24.97 40.70
CA LEU A 207 10.70 -25.41 39.56
C LEU A 207 12.12 -24.86 39.69
N VAL A 208 12.12 -23.57 40.00
CA VAL A 208 13.42 -22.89 40.19
C VAL A 208 14.21 -23.67 41.26
N LYS A 209 13.66 -23.97 42.43
CA LYS A 209 14.42 -24.62 43.51
C LYS A 209 15.00 -25.97 43.09
N ASP A 210 14.37 -26.65 42.18
CA ASP A 210 14.80 -27.97 41.72
C ASP A 210 15.61 -28.01 40.44
N ALA A 211 15.78 -26.86 39.78
CA ALA A 211 16.58 -26.81 38.55
C ALA A 211 18.06 -26.57 38.80
N LYS A 212 18.86 -27.39 38.19
CA LYS A 212 20.32 -27.38 38.20
C LYS A 212 20.87 -26.52 37.08
N ASN A 213 20.16 -26.52 35.95
CA ASN A 213 20.61 -25.76 34.77
C ASN A 213 19.51 -24.90 34.14
N PRO A 214 19.06 -23.95 34.89
CA PRO A 214 17.98 -23.04 34.43
C PRO A 214 18.54 -21.99 33.50
N VAL A 215 17.72 -21.59 32.52
CA VAL A 215 18.12 -20.55 31.56
C VAL A 215 16.94 -19.60 31.36
N ILE A 216 17.30 -18.38 31.01
CA ILE A 216 16.31 -17.34 30.71
C ILE A 216 16.42 -17.06 29.22
N LEU A 217 15.25 -16.90 28.59
CA LEU A 217 15.07 -16.58 27.21
C LEU A 217 14.19 -15.29 27.25
N ALA A 218 14.67 -14.26 26.67
CA ALA A 218 13.82 -13.02 26.60
C ALA A 218 13.39 -12.89 25.13
N ASP A 219 12.09 -12.92 24.93
CA ASP A 219 11.53 -12.80 23.58
C ASP A 219 10.97 -11.43 23.28
N ALA A 220 10.38 -11.42 22.07
CA ALA A 220 9.78 -10.27 21.40
C ALA A 220 9.28 -9.21 22.30
N CYS A 221 8.24 -9.58 23.06
CA CYS A 221 7.53 -8.70 23.97
C CYS A 221 8.16 -8.40 25.32
N CYS A 222 9.35 -8.93 25.52
CA CYS A 222 10.02 -8.69 26.82
C CYS A 222 9.98 -7.19 27.10
N SER A 223 10.41 -6.38 26.14
CA SER A 223 10.46 -4.92 26.27
C SER A 223 9.27 -4.08 25.87
N ARG A 224 8.45 -4.52 24.93
CA ARG A 224 7.26 -3.79 24.50
C ARG A 224 6.27 -3.79 25.69
N HIS A 225 6.24 -4.99 26.31
CA HIS A 225 5.33 -5.15 27.45
C HIS A 225 5.85 -4.68 28.80
N ASP A 226 6.77 -3.74 28.80
CA ASP A 226 7.38 -3.10 29.97
C ASP A 226 8.50 -3.84 30.72
N VAL A 227 8.30 -5.12 30.91
CA VAL A 227 9.11 -6.10 31.59
C VAL A 227 10.60 -6.18 31.34
N LYS A 228 11.15 -5.29 30.55
CA LYS A 228 12.60 -5.27 30.23
C LYS A 228 13.40 -5.05 31.50
N ALA A 229 12.91 -4.19 32.36
CA ALA A 229 13.50 -3.81 33.64
C ALA A 229 13.38 -4.99 34.63
N GLU A 230 12.19 -5.52 34.71
CA GLU A 230 11.91 -6.68 35.56
C GLU A 230 12.70 -7.87 35.02
N THR A 231 12.97 -7.86 33.70
CA THR A 231 13.76 -9.00 33.17
C THR A 231 15.23 -8.92 33.50
N LYS A 232 15.82 -7.78 33.57
CA LYS A 232 17.26 -7.56 33.86
C LYS A 232 17.55 -7.74 35.37
N LYS A 233 16.55 -7.42 36.15
CA LYS A 233 16.58 -7.58 37.62
C LYS A 233 16.58 -9.13 37.80
N LEU A 234 15.72 -9.77 37.06
CA LEU A 234 15.63 -11.24 37.14
C LEU A 234 16.92 -12.00 36.86
N ILE A 235 17.76 -11.50 35.99
CA ILE A 235 19.05 -12.02 35.63
C ILE A 235 20.04 -11.88 36.78
N ASP A 236 20.08 -10.71 37.37
CA ASP A 236 21.03 -10.37 38.46
C ASP A 236 20.82 -11.12 39.77
N LEU A 237 19.55 -11.27 40.11
CA LEU A 237 19.07 -11.93 41.30
C LEU A 237 19.36 -13.41 41.20
N THR A 238 19.04 -13.97 40.04
CA THR A 238 19.28 -15.41 39.84
C THR A 238 20.61 -15.86 39.35
N GLN A 239 21.30 -15.10 38.50
CA GLN A 239 22.54 -15.45 37.86
C GLN A 239 22.44 -16.57 36.78
N PHE A 240 21.27 -16.81 36.26
CA PHE A 240 21.07 -17.81 35.19
C PHE A 240 21.51 -17.17 33.85
N PRO A 241 22.00 -18.01 32.99
CA PRO A 241 22.44 -17.57 31.66
C PRO A 241 21.18 -17.09 30.95
N ALA A 242 21.35 -16.00 30.22
CA ALA A 242 20.22 -15.34 29.52
C ALA A 242 20.55 -15.28 28.01
N PHE A 243 19.57 -15.52 27.22
CA PHE A 243 19.52 -15.63 25.80
C PHE A 243 18.29 -14.81 25.33
N VAL A 244 18.46 -14.35 24.11
CA VAL A 244 17.46 -13.61 23.37
C VAL A 244 17.25 -14.51 22.14
N THR A 245 16.06 -14.40 21.63
CA THR A 245 15.63 -15.00 20.37
C THR A 245 15.82 -13.74 19.47
N PRO A 246 15.85 -13.93 18.17
CA PRO A 246 15.95 -12.85 17.22
C PRO A 246 14.97 -11.67 17.38
N MET A 247 13.70 -11.88 17.68
CA MET A 247 12.71 -10.83 17.87
C MET A 247 12.99 -10.05 19.17
N GLY A 248 13.71 -10.69 20.07
CA GLY A 248 14.05 -10.05 21.35
C GLY A 248 15.44 -9.47 21.40
N LYS A 249 16.20 -9.62 20.32
CA LYS A 249 17.57 -9.10 20.30
C LYS A 249 17.58 -7.62 20.59
N GLY A 250 18.34 -7.19 21.56
CA GLY A 250 18.44 -5.83 22.08
C GLY A 250 17.79 -5.74 23.46
N SER A 251 17.02 -6.74 23.85
CA SER A 251 16.31 -6.74 25.16
C SER A 251 17.14 -6.93 26.41
N ILE A 252 18.17 -7.67 26.16
CA ILE A 252 19.23 -7.99 27.15
C ILE A 252 20.43 -7.28 26.55
N SER A 253 21.20 -6.73 27.44
CA SER A 253 22.45 -6.03 27.13
C SER A 253 23.40 -7.18 26.86
N GLU A 254 23.86 -7.18 25.61
CA GLU A 254 24.82 -8.19 25.10
C GLU A 254 26.14 -8.21 25.81
N GLN A 255 26.45 -7.24 26.66
CA GLN A 255 27.72 -7.23 27.41
C GLN A 255 27.72 -7.67 28.88
N HIS A 256 26.66 -8.16 29.40
CA HIS A 256 26.31 -8.70 30.69
C HIS A 256 27.02 -10.05 30.69
N PRO A 257 27.75 -10.36 31.76
CA PRO A 257 28.48 -11.63 31.88
C PRO A 257 27.61 -12.87 31.81
N ARG A 258 26.32 -12.64 32.10
CA ARG A 258 25.39 -13.82 32.12
C ARG A 258 24.69 -13.92 30.78
N TYR A 259 25.00 -13.03 29.88
CA TYR A 259 24.48 -12.97 28.51
C TYR A 259 25.09 -14.15 27.78
N GLY A 260 24.37 -15.11 27.24
CA GLY A 260 24.93 -16.26 26.60
C GLY A 260 24.73 -16.30 25.09
N GLY A 261 23.80 -15.52 24.54
CA GLY A 261 23.64 -15.49 23.07
C GLY A 261 22.16 -15.46 22.69
N VAL A 262 22.03 -15.47 21.37
CA VAL A 262 20.79 -15.40 20.63
C VAL A 262 20.57 -16.89 20.34
N TYR A 263 19.36 -17.34 20.60
CA TYR A 263 18.96 -18.68 20.33
C TYR A 263 17.86 -18.46 19.29
N VAL A 264 18.21 -19.08 18.19
CA VAL A 264 17.59 -19.29 16.90
C VAL A 264 17.55 -20.82 17.06
N GLY A 265 16.90 -21.67 16.31
CA GLY A 265 16.95 -23.11 16.70
C GLY A 265 18.30 -23.63 16.18
N THR A 266 18.13 -24.38 15.08
CA THR A 266 19.31 -24.96 14.42
C THR A 266 20.24 -23.92 13.78
N LEU A 267 19.77 -22.70 13.69
CA LEU A 267 20.62 -21.67 13.07
C LEU A 267 21.57 -20.99 14.03
N SER A 268 21.54 -21.46 15.26
CA SER A 268 22.33 -20.85 16.33
C SER A 268 23.76 -21.34 16.21
N LYS A 269 24.57 -20.58 16.89
CA LYS A 269 26.00 -20.94 16.98
C LYS A 269 25.83 -22.21 17.86
N PRO A 270 26.39 -23.28 17.36
CA PRO A 270 26.38 -24.57 18.03
C PRO A 270 26.58 -24.51 19.54
N GLU A 271 27.43 -23.67 20.06
CA GLU A 271 27.60 -23.69 21.55
C GLU A 271 26.38 -23.04 22.23
N VAL A 272 25.69 -22.15 21.57
CA VAL A 272 24.49 -21.48 22.05
C VAL A 272 23.31 -22.46 22.07
N LYS A 273 23.21 -23.18 20.97
CA LYS A 273 22.16 -24.14 20.70
C LYS A 273 22.15 -25.14 21.84
N GLU A 274 23.35 -25.61 22.19
CA GLU A 274 23.48 -26.58 23.28
C GLU A 274 23.17 -26.06 24.66
N ALA A 275 23.73 -24.91 24.95
CA ALA A 275 23.51 -24.30 26.27
C ALA A 275 22.04 -24.15 26.56
N VAL A 276 21.22 -23.80 25.59
CA VAL A 276 19.77 -23.65 25.80
C VAL A 276 19.09 -25.03 25.83
N GLU A 277 19.48 -25.89 24.94
CA GLU A 277 18.87 -27.22 24.79
C GLU A 277 19.15 -28.20 25.91
N SER A 278 20.21 -28.08 26.61
CA SER A 278 20.62 -28.85 27.77
C SER A 278 20.05 -28.32 29.07
N ALA A 279 19.36 -27.19 29.02
CA ALA A 279 18.73 -26.57 30.16
C ALA A 279 17.54 -27.40 30.70
N ASP A 280 17.45 -27.48 32.03
CA ASP A 280 16.39 -28.23 32.68
C ASP A 280 15.16 -27.43 33.03
N LEU A 281 15.15 -26.14 32.87
CA LEU A 281 14.12 -25.14 33.08
C LEU A 281 14.50 -23.94 32.18
N ILE A 282 13.53 -23.51 31.39
CA ILE A 282 13.71 -22.33 30.54
C ILE A 282 12.70 -21.32 31.08
N LEU A 283 13.14 -20.13 31.43
CA LEU A 283 12.21 -19.07 31.89
C LEU A 283 12.00 -18.19 30.69
N SER A 284 10.87 -18.19 30.03
CA SER A 284 10.60 -17.46 28.79
C SER A 284 9.66 -16.29 28.88
N VAL A 285 10.29 -15.12 28.66
CA VAL A 285 9.62 -13.82 28.71
C VAL A 285 9.23 -13.12 27.43
N GLY A 286 7.92 -13.20 27.16
CA GLY A 286 7.24 -12.59 26.06
C GLY A 286 7.22 -13.30 24.73
N ALA A 287 6.92 -14.60 24.72
CA ALA A 287 6.89 -15.37 23.47
C ALA A 287 5.74 -15.19 22.48
N LEU A 288 6.16 -15.20 21.25
CA LEU A 288 5.53 -15.17 19.92
C LEU A 288 6.54 -16.21 19.34
N LEU A 289 6.62 -17.24 20.16
CA LEU A 289 7.47 -18.40 20.10
C LEU A 289 7.44 -19.27 18.83
N SER A 290 8.70 -19.47 18.45
CA SER A 290 9.04 -20.35 17.31
C SER A 290 9.36 -21.66 18.07
N ASP A 291 10.36 -21.58 18.92
CA ASP A 291 10.88 -22.66 19.77
C ASP A 291 9.89 -23.76 20.11
N LYS A 302 16.37 -31.47 22.84
CA LYS A 302 15.52 -31.58 24.05
C LYS A 302 15.50 -30.21 24.69
N THR A 303 14.43 -29.82 25.31
CA THR A 303 14.18 -28.51 25.97
C THR A 303 13.14 -28.84 27.04
N LYS A 304 13.57 -28.90 28.30
CA LYS A 304 12.75 -29.32 29.47
C LYS A 304 11.39 -28.80 29.86
N ASN A 305 11.29 -28.04 30.94
CA ASN A 305 10.25 -27.38 31.63
C ASN A 305 10.48 -25.90 31.18
N ILE A 306 9.48 -25.33 30.64
CA ILE A 306 9.38 -24.02 30.10
C ILE A 306 8.22 -23.29 30.80
N VAL A 307 8.70 -22.19 31.34
CA VAL A 307 7.70 -21.33 32.05
C VAL A 307 7.54 -20.24 30.95
N GLU A 308 6.37 -20.07 30.44
CA GLU A 308 6.14 -19.05 29.42
C GLU A 308 5.43 -17.88 30.05
N PHE A 309 5.96 -16.71 29.88
CA PHE A 309 5.33 -15.48 30.48
C PHE A 309 4.69 -14.68 29.37
N HIS A 310 3.38 -14.47 29.35
CA HIS A 310 2.74 -13.67 28.28
C HIS A 310 1.94 -12.59 28.99
N SER A 311 1.73 -11.46 28.36
CA SER A 311 1.05 -10.32 28.98
C SER A 311 -0.32 -10.63 29.53
N ASP A 312 -0.92 -11.70 29.05
CA ASP A 312 -2.27 -11.95 29.57
C ASP A 312 -2.52 -13.41 29.90
N HIS A 313 -1.42 -14.15 30.07
CA HIS A 313 -1.55 -15.54 30.37
C HIS A 313 -0.16 -16.13 30.66
N MET A 314 -0.30 -17.23 31.45
CA MET A 314 0.98 -17.96 31.75
C MET A 314 0.66 -19.36 31.28
N LYS A 315 1.75 -20.03 31.09
CA LYS A 315 1.78 -21.44 30.70
C LYS A 315 3.00 -22.04 31.44
N ILE A 316 2.73 -23.21 32.05
CA ILE A 316 3.89 -23.82 32.82
C ILE A 316 3.89 -25.24 32.31
N ARG A 317 4.91 -25.69 31.64
CA ARG A 317 4.86 -27.08 31.11
C ARG A 317 3.73 -26.99 30.07
N ASN A 318 2.81 -27.95 30.17
CA ASN A 318 1.63 -28.11 29.32
C ASN A 318 0.43 -27.34 29.85
N ALA A 319 0.44 -26.88 31.09
CA ALA A 319 -0.66 -26.15 31.70
C ALA A 319 -0.87 -24.67 31.37
N THR A 320 -2.14 -24.36 31.13
CA THR A 320 -2.46 -22.96 30.79
C THR A 320 -3.32 -22.30 31.88
N PHE A 321 -2.85 -21.12 32.22
CA PHE A 321 -3.49 -20.25 33.20
C PHE A 321 -3.91 -19.05 32.32
N PRO A 322 -5.11 -19.11 31.83
CA PRO A 322 -5.65 -18.05 30.99
C PRO A 322 -5.91 -16.85 31.88
N GLY A 323 -5.68 -15.61 31.45
CA GLY A 323 -6.04 -14.50 32.36
C GLY A 323 -5.01 -14.03 33.32
N VAL A 324 -3.95 -14.68 33.71
CA VAL A 324 -2.90 -14.27 34.63
C VAL A 324 -1.85 -13.42 33.90
N GLN A 325 -1.85 -12.11 34.16
CA GLN A 325 -0.93 -11.19 33.47
C GLN A 325 0.50 -11.35 33.97
N MET A 326 1.52 -11.41 33.13
CA MET A 326 2.88 -11.50 33.65
C MET A 326 3.43 -10.39 34.52
N LYS A 327 2.90 -9.22 34.42
CA LYS A 327 3.45 -8.05 35.17
C LYS A 327 3.45 -8.31 36.64
N PHE A 328 2.34 -8.77 37.13
CA PHE A 328 2.13 -9.05 38.58
C PHE A 328 2.95 -10.16 39.13
N VAL A 329 3.01 -11.19 38.33
CA VAL A 329 3.72 -12.46 38.60
C VAL A 329 5.20 -12.14 38.68
N LEU A 330 5.63 -11.28 37.77
CA LEU A 330 7.04 -10.86 37.74
C LEU A 330 7.41 -9.85 38.82
N GLN A 331 6.60 -8.94 39.26
CA GLN A 331 6.91 -7.98 40.34
C GLN A 331 6.98 -8.76 41.67
N LYS A 332 6.09 -9.73 41.78
CA LYS A 332 6.01 -10.59 42.96
C LYS A 332 7.23 -11.52 42.95
N LEU A 333 7.48 -12.22 41.87
CA LEU A 333 8.64 -13.15 41.86
C LEU A 333 9.94 -12.52 42.36
N LEU A 334 10.21 -11.31 41.96
CA LEU A 334 11.46 -10.59 42.32
C LEU A 334 11.71 -10.50 43.80
N THR A 335 10.72 -10.61 44.67
CA THR A 335 10.94 -10.50 46.11
C THR A 335 11.36 -11.86 46.71
N ASN A 336 11.05 -12.95 46.06
CA ASN A 336 11.42 -14.29 46.50
C ASN A 336 12.36 -15.13 45.63
N ILE A 337 12.71 -14.63 44.47
CA ILE A 337 13.59 -15.40 43.58
C ILE A 337 15.00 -15.66 44.05
N ALA A 338 15.67 -14.63 44.59
CA ALA A 338 17.04 -14.83 45.08
C ALA A 338 17.08 -16.06 46.02
N ASP A 339 16.07 -16.15 46.86
CA ASP A 339 15.97 -17.24 47.83
C ASP A 339 15.74 -18.60 47.15
N ALA A 340 14.77 -18.74 46.29
CA ALA A 340 14.44 -19.95 45.59
C ALA A 340 15.65 -20.55 44.89
N ALA A 341 16.39 -19.66 44.29
CA ALA A 341 17.61 -19.87 43.53
C ALA A 341 18.95 -19.89 44.25
N LYS A 342 18.98 -19.59 45.54
CA LYS A 342 20.28 -19.57 46.25
C LYS A 342 21.04 -20.90 46.20
N GLY A 343 20.44 -21.95 45.68
CA GLY A 343 21.13 -23.25 45.54
C GLY A 343 21.90 -23.33 44.20
N TYR A 344 21.65 -22.42 43.28
CA TYR A 344 22.32 -22.35 41.98
C TYR A 344 23.81 -22.02 42.06
N LYS A 345 24.51 -22.79 41.25
CA LYS A 345 25.94 -22.84 40.94
C LYS A 345 26.05 -22.37 39.48
N PRO A 346 26.49 -21.15 39.32
CA PRO A 346 26.59 -20.52 37.98
C PRO A 346 27.26 -21.46 37.01
N VAL A 347 26.70 -21.57 35.86
CA VAL A 347 27.14 -22.41 34.75
C VAL A 347 27.79 -21.33 33.84
N ALA A 348 28.89 -21.76 33.21
CA ALA A 348 29.60 -20.88 32.28
C ALA A 348 28.70 -20.63 31.06
N VAL A 349 28.86 -19.46 30.47
CA VAL A 349 28.05 -19.21 29.25
C VAL A 349 29.01 -19.34 28.05
N PRO A 350 28.47 -19.78 26.93
CA PRO A 350 29.17 -19.93 25.68
C PRO A 350 30.05 -18.71 25.39
N ALA A 351 31.32 -18.99 25.06
CA ALA A 351 32.24 -17.85 24.76
C ALA A 351 31.74 -17.11 23.52
N ARG A 352 31.91 -15.81 23.48
CA ARG A 352 31.49 -14.95 22.36
C ARG A 352 32.41 -15.13 21.16
N THR A 353 31.84 -15.37 20.01
CA THR A 353 32.48 -15.55 18.70
C THR A 353 33.66 -14.60 18.51
N PRO A 354 34.82 -15.17 18.23
CA PRO A 354 36.04 -14.39 18.11
C PRO A 354 36.12 -13.51 16.87
N ALA A 355 36.93 -12.46 17.02
CA ALA A 355 37.19 -11.47 15.99
C ALA A 355 37.53 -12.12 14.65
N ASN A 356 37.41 -11.33 13.58
CA ASN A 356 37.72 -11.88 12.25
C ASN A 356 39.27 -11.88 12.13
N ALA A 357 39.66 -12.92 11.42
CA ALA A 357 41.12 -13.10 11.13
C ALA A 357 41.49 -11.98 10.17
N ALA A 358 42.73 -11.59 10.15
CA ALA A 358 43.29 -10.57 9.29
C ALA A 358 43.30 -11.12 7.85
N VAL A 359 42.84 -10.32 6.90
CA VAL A 359 42.87 -10.80 5.48
C VAL A 359 43.33 -9.59 4.68
N PRO A 360 43.75 -9.78 3.46
CA PRO A 360 44.16 -8.69 2.58
C PRO A 360 42.95 -7.77 2.32
N ALA A 361 43.26 -6.49 2.26
CA ALA A 361 42.24 -5.47 2.00
C ALA A 361 41.45 -5.61 0.69
N SER A 362 41.89 -6.40 -0.23
CA SER A 362 41.35 -6.73 -1.53
C SER A 362 40.13 -7.65 -1.43
N THR A 363 40.13 -8.40 -0.34
CA THR A 363 39.10 -9.41 -0.07
C THR A 363 37.72 -8.87 -0.33
N PRO A 364 37.04 -9.53 -1.21
CA PRO A 364 35.64 -9.13 -1.59
C PRO A 364 34.82 -9.31 -0.32
N LEU A 365 33.86 -8.46 -0.10
CA LEU A 365 32.98 -8.46 1.06
C LEU A 365 32.13 -9.75 1.02
N LYS A 366 32.03 -10.36 2.17
CA LYS A 366 31.19 -11.59 2.28
C LYS A 366 30.37 -11.24 3.52
N GLN A 367 29.15 -11.67 3.56
CA GLN A 367 28.26 -11.42 4.72
C GLN A 367 28.77 -11.97 6.05
N GLU A 368 29.23 -13.24 6.02
CA GLU A 368 29.74 -13.86 7.26
C GLU A 368 30.78 -12.93 7.90
N TRP A 369 31.74 -12.48 7.11
CA TRP A 369 32.82 -11.58 7.58
C TRP A 369 32.14 -10.34 8.19
N MET A 370 31.34 -9.71 7.35
CA MET A 370 30.61 -8.47 7.63
C MET A 370 29.83 -8.43 8.94
N TRP A 371 28.92 -9.38 9.14
CA TRP A 371 28.10 -9.41 10.37
C TRP A 371 28.86 -9.52 11.70
N ASN A 372 29.95 -10.29 11.63
CA ASN A 372 30.84 -10.42 12.81
C ASN A 372 31.40 -9.00 12.96
N GLN A 373 32.11 -8.51 12.00
CA GLN A 373 32.77 -7.25 11.81
C GLN A 373 32.04 -5.97 12.23
N LEU A 374 30.76 -5.86 12.01
CA LEU A 374 29.85 -4.79 12.31
C LEU A 374 29.88 -4.36 13.75
N GLY A 375 29.88 -5.32 14.65
CA GLY A 375 29.93 -5.10 16.10
C GLY A 375 30.96 -4.09 16.52
N ASN A 376 32.02 -3.97 15.74
CA ASN A 376 33.12 -3.02 15.94
C ASN A 376 32.69 -1.58 15.74
N PHE A 377 31.78 -1.34 14.82
CA PHE A 377 31.18 -0.05 14.42
C PHE A 377 30.13 0.50 15.41
N LEU A 378 29.41 -0.51 15.97
CA LEU A 378 28.30 -0.14 16.88
C LEU A 378 28.77 0.46 18.19
N GLN A 379 27.88 1.27 18.73
CA GLN A 379 28.10 1.98 20.00
C GLN A 379 26.78 1.88 20.80
N GLU A 380 26.87 2.07 22.10
CA GLU A 380 25.75 2.00 23.03
C GLU A 380 24.80 3.14 22.65
N GLY A 381 23.49 2.89 22.68
CA GLY A 381 22.46 3.87 22.36
C GLY A 381 22.05 3.77 20.88
N ASP A 382 22.61 2.82 20.13
CA ASP A 382 22.30 2.68 18.71
C ASP A 382 20.93 2.08 18.48
N VAL A 383 20.29 2.46 17.40
CA VAL A 383 19.00 1.88 16.98
C VAL A 383 19.36 1.08 15.74
N VAL A 384 19.24 -0.21 15.74
CA VAL A 384 19.62 -1.08 14.62
C VAL A 384 18.39 -1.80 14.06
N ILE A 385 18.13 -1.47 12.80
CA ILE A 385 17.00 -1.98 12.06
C ILE A 385 17.52 -2.89 10.95
N ALA A 386 16.97 -4.04 10.76
CA ALA A 386 17.39 -5.03 9.78
C ALA A 386 16.17 -5.53 9.02
N GLU A 387 16.27 -5.46 7.72
CA GLU A 387 15.12 -5.88 6.88
C GLU A 387 15.11 -7.40 6.69
N THR A 388 13.93 -7.94 6.54
CA THR A 388 13.65 -9.34 6.27
C THR A 388 14.35 -9.53 4.90
N GLY A 389 15.18 -10.54 4.90
CA GLY A 389 16.00 -10.89 3.72
C GLY A 389 17.16 -11.57 4.40
N THR A 390 18.33 -11.55 3.85
CA THR A 390 19.49 -12.19 4.49
C THR A 390 19.93 -11.26 5.62
N SER A 391 19.42 -10.06 5.60
CA SER A 391 19.73 -8.99 6.56
C SER A 391 19.29 -9.35 7.97
N ALA A 392 18.10 -9.82 8.15
CA ALA A 392 17.54 -10.25 9.43
C ALA A 392 18.22 -11.49 10.01
N PHE A 393 18.72 -12.33 9.20
CA PHE A 393 19.47 -13.56 9.48
C PHE A 393 20.89 -13.19 9.95
N GLY A 394 21.54 -12.32 9.23
CA GLY A 394 22.93 -11.87 9.55
C GLY A 394 23.06 -11.06 10.77
N ILE A 395 22.10 -10.15 11.07
CA ILE A 395 22.19 -9.30 12.28
C ILE A 395 22.27 -10.11 13.58
N ASN A 396 21.71 -11.26 13.60
CA ASN A 396 21.64 -12.26 14.72
C ASN A 396 23.04 -12.71 15.12
N GLN A 397 23.98 -12.44 14.23
CA GLN A 397 25.42 -12.78 14.36
C GLN A 397 26.23 -11.61 14.86
N THR A 398 25.66 -10.45 14.98
CA THR A 398 26.30 -9.22 15.48
C THR A 398 26.08 -9.06 16.97
N THR A 399 27.22 -8.90 17.63
CA THR A 399 27.36 -8.69 19.05
C THR A 399 27.27 -7.15 19.20
N PHE A 400 26.19 -6.83 19.90
CA PHE A 400 25.88 -5.44 20.20
C PHE A 400 26.48 -4.96 21.51
N PRO A 401 26.77 -3.67 21.59
CA PRO A 401 27.23 -3.09 22.87
C PRO A 401 26.01 -3.09 23.79
N ASN A 402 26.00 -2.63 25.02
CA ASN A 402 24.89 -2.51 25.94
C ASN A 402 24.01 -1.33 25.47
N ASN A 403 22.76 -1.26 25.87
CA ASN A 403 21.82 -0.19 25.48
C ASN A 403 21.62 0.06 24.00
N THR A 404 21.46 -0.96 23.22
CA THR A 404 21.23 -0.94 21.78
C THR A 404 19.87 -1.57 21.53
N TYR A 405 19.00 -0.92 20.77
CA TYR A 405 17.68 -1.51 20.46
C TYR A 405 17.71 -2.18 19.10
N GLY A 406 17.16 -3.35 18.93
CA GLY A 406 17.09 -4.11 17.68
C GLY A 406 15.62 -4.03 17.18
N ILE A 407 15.48 -3.95 15.88
CA ILE A 407 14.19 -3.95 15.22
C ILE A 407 14.31 -4.97 14.10
N SER A 408 13.46 -5.97 14.18
CA SER A 408 13.43 -7.01 13.14
C SER A 408 12.03 -7.60 13.19
N GLN A 409 11.34 -7.40 12.10
CA GLN A 409 10.00 -7.83 11.86
C GLN A 409 9.93 -9.29 11.46
N VAL A 410 10.44 -10.13 12.34
CA VAL A 410 10.43 -11.59 12.09
C VAL A 410 9.10 -12.28 11.97
N LEU A 411 8.08 -11.93 12.73
CA LEU A 411 6.78 -12.61 12.55
C LEU A 411 6.02 -12.14 11.31
N TRP A 412 5.64 -10.87 11.32
CA TRP A 412 4.93 -10.32 10.12
C TRP A 412 5.75 -10.45 8.85
N GLY A 413 7.00 -10.06 8.80
CA GLY A 413 7.86 -10.18 7.60
C GLY A 413 7.36 -9.51 6.34
N SER A 414 7.15 -8.17 6.40
CA SER A 414 6.69 -7.42 5.24
C SER A 414 7.90 -6.65 4.64
N ILE A 415 8.41 -7.13 3.50
CA ILE A 415 9.59 -6.45 2.96
C ILE A 415 9.64 -4.94 2.84
N GLY A 416 8.73 -4.08 2.69
CA GLY A 416 9.12 -2.64 2.62
C GLY A 416 9.31 -1.97 3.98
N PHE A 417 8.77 -2.64 4.97
CA PHE A 417 8.76 -2.25 6.37
C PHE A 417 9.78 -1.26 6.84
N THR A 418 11.04 -1.57 6.88
CA THR A 418 12.15 -0.85 7.39
C THR A 418 12.49 0.56 6.90
N THR A 419 12.09 0.92 5.69
CA THR A 419 12.37 2.30 5.25
C THR A 419 11.43 3.17 6.12
N GLY A 420 10.20 2.71 6.28
CA GLY A 420 9.24 3.44 7.11
C GLY A 420 9.67 3.34 8.60
N ALA A 421 10.07 2.13 9.00
CA ALA A 421 10.43 1.96 10.42
C ALA A 421 11.55 2.92 10.79
N THR A 422 12.48 3.06 9.84
CA THR A 422 13.63 3.93 10.13
C THR A 422 13.20 5.37 10.38
N LEU A 423 12.27 5.88 9.64
CA LEU A 423 11.87 7.31 9.79
C LEU A 423 11.29 7.46 11.20
N GLY A 424 10.35 6.53 11.51
CA GLY A 424 9.65 6.56 12.79
C GLY A 424 10.59 6.51 13.95
N ALA A 425 11.50 5.57 13.98
CA ALA A 425 12.55 5.32 14.90
C ALA A 425 13.52 6.49 15.04
N ALA A 426 13.78 7.13 13.89
CA ALA A 426 14.75 8.29 13.92
C ALA A 426 14.11 9.48 14.62
N PHE A 427 12.84 9.63 14.37
CA PHE A 427 12.05 10.76 14.93
C PHE A 427 11.97 10.56 16.46
N ALA A 428 11.69 9.32 16.90
CA ALA A 428 11.61 9.09 18.34
C ALA A 428 13.03 9.20 18.91
N ALA A 429 14.05 8.67 18.24
CA ALA A 429 15.42 8.82 18.80
C ALA A 429 15.79 10.27 19.07
N GLU A 430 15.41 11.06 18.05
CA GLU A 430 15.66 12.50 18.03
C GLU A 430 15.02 13.09 19.27
N GLU A 431 13.83 12.60 19.60
CA GLU A 431 13.11 13.12 20.82
C GLU A 431 13.70 12.65 22.11
N ILE A 432 14.38 11.50 22.15
CA ILE A 432 15.06 10.91 23.29
C ILE A 432 16.40 11.57 23.45
N ASP A 433 17.24 11.50 22.44
CA ASP A 433 18.58 12.11 22.44
C ASP A 433 19.13 12.20 21.02
N PRO A 434 19.22 13.38 20.46
CA PRO A 434 19.71 13.65 19.14
C PRO A 434 21.06 13.03 18.84
N LYS A 435 21.77 12.58 19.83
CA LYS A 435 23.09 11.94 19.74
C LYS A 435 22.91 10.44 19.50
N LYS A 436 21.69 9.91 19.66
CA LYS A 436 21.59 8.45 19.33
C LYS A 436 21.59 8.33 17.76
N ARG A 437 22.17 7.28 17.27
CA ARG A 437 22.29 6.84 15.92
C ARG A 437 21.20 5.85 15.49
N VAL A 438 20.78 6.01 14.22
CA VAL A 438 19.75 5.11 13.63
C VAL A 438 20.39 4.41 12.45
N ILE A 439 20.62 3.10 12.63
CA ILE A 439 21.31 2.36 11.54
C ILE A 439 20.40 1.40 10.83
N LEU A 440 20.29 1.51 9.52
CA LEU A 440 19.45 0.54 8.79
C LEU A 440 20.27 -0.46 7.98
N PHE A 441 19.85 -1.73 7.94
CA PHE A 441 20.44 -2.73 7.08
C PHE A 441 19.32 -3.19 6.14
N ILE A 442 19.21 -2.64 4.93
CA ILE A 442 18.14 -3.13 4.03
C ILE A 442 18.57 -3.70 2.69
N GLY A 443 17.97 -4.72 2.18
CA GLY A 443 18.23 -5.35 0.90
C GLY A 443 17.80 -4.47 -0.28
N ASP A 444 18.50 -4.59 -1.39
CA ASP A 444 18.27 -3.87 -2.63
C ASP A 444 16.83 -4.01 -3.13
N GLY A 445 16.31 -5.21 -2.95
CA GLY A 445 14.91 -5.49 -3.39
C GLY A 445 13.77 -4.94 -2.56
N SER A 446 13.93 -4.82 -1.27
CA SER A 446 13.02 -4.34 -0.28
C SER A 446 13.08 -2.80 -0.30
N LEU A 447 14.28 -2.28 -0.56
CA LEU A 447 14.33 -0.80 -0.60
C LEU A 447 13.36 -0.28 -1.63
N GLN A 448 13.12 -1.06 -2.72
CA GLN A 448 12.19 -0.63 -3.77
C GLN A 448 10.72 -0.44 -3.45
N LEU A 449 10.12 -1.21 -2.55
CA LEU A 449 8.75 -1.14 -2.12
C LEU A 449 8.37 0.16 -1.44
N THR A 450 9.34 0.66 -0.65
CA THR A 450 9.16 1.86 0.17
C THR A 450 10.20 2.95 0.10
N VAL A 451 10.96 3.00 -1.00
CA VAL A 451 11.98 3.99 -1.24
C VAL A 451 11.57 5.43 -0.94
N GLN A 452 10.42 5.88 -1.29
CA GLN A 452 10.06 7.32 -1.12
C GLN A 452 10.11 7.88 0.27
N GLU A 453 10.15 7.03 1.29
CA GLU A 453 10.28 7.46 2.67
C GLU A 453 11.64 8.09 3.01
N ILE A 454 12.64 7.81 2.15
CA ILE A 454 13.94 8.50 2.37
C ILE A 454 13.68 10.00 2.29
N SER A 455 12.70 10.35 1.45
CA SER A 455 12.27 11.74 1.21
C SER A 455 11.87 12.48 2.46
N THR A 456 11.16 11.91 3.36
CA THR A 456 10.67 12.40 4.65
C THR A 456 11.79 12.60 5.67
N MET A 457 12.81 11.80 5.67
CA MET A 457 13.97 11.86 6.55
C MET A 457 14.78 13.14 6.24
N ILE A 458 14.93 13.38 4.97
CA ILE A 458 15.65 14.54 4.39
C ILE A 458 14.86 15.80 4.76
N ARG A 459 13.56 15.77 4.54
CA ARG A 459 12.66 16.87 4.83
C ARG A 459 12.79 17.35 6.30
N TRP A 460 13.04 16.36 7.16
CA TRP A 460 13.15 16.72 8.59
C TRP A 460 14.55 16.85 9.10
N GLY A 461 15.54 16.55 8.29
CA GLY A 461 16.93 16.65 8.75
C GLY A 461 17.25 15.49 9.69
N LEU A 462 16.61 14.36 9.47
CA LEU A 462 16.91 13.15 10.25
C LEU A 462 18.20 12.64 9.68
N LYS A 463 19.15 12.15 10.45
CA LYS A 463 20.42 11.65 9.94
C LYS A 463 20.76 10.16 10.07
N PRO A 464 19.93 9.26 9.59
CA PRO A 464 20.19 7.82 9.65
C PRO A 464 21.35 7.33 8.81
N TYR A 465 21.78 6.11 9.02
CA TYR A 465 22.81 5.43 8.27
C TYR A 465 21.98 4.43 7.43
N LEU A 466 21.96 4.58 6.12
CA LEU A 466 21.23 3.62 5.29
C LEU A 466 22.22 2.70 4.55
N PHE A 467 22.39 1.47 5.03
CA PHE A 467 23.27 0.53 4.31
C PHE A 467 22.41 -0.32 3.39
N VAL A 468 22.64 -0.33 2.10
CA VAL A 468 21.87 -1.18 1.11
C VAL A 468 22.70 -2.36 0.63
N LEU A 469 22.21 -3.60 0.81
CA LEU A 469 22.86 -4.83 0.45
C LEU A 469 22.67 -4.98 -1.08
N ASN A 470 23.68 -4.55 -1.84
CA ASN A 470 23.44 -4.72 -3.31
C ASN A 470 23.96 -6.14 -3.62
N ASN A 471 23.03 -7.00 -4.02
CA ASN A 471 23.36 -8.38 -4.37
C ASN A 471 22.54 -8.82 -5.57
N ASP A 472 22.02 -7.80 -6.27
CA ASP A 472 21.26 -8.05 -7.49
C ASP A 472 20.05 -8.98 -7.50
N GLY A 473 19.03 -8.59 -6.72
CA GLY A 473 17.76 -9.25 -6.58
C GLY A 473 17.59 -9.70 -5.13
N TYR A 474 16.72 -10.66 -5.03
CA TYR A 474 16.20 -11.38 -3.89
C TYR A 474 17.00 -12.60 -3.52
N THR A 475 18.16 -12.48 -2.93
CA THR A 475 18.90 -13.73 -2.65
C THR A 475 18.26 -14.73 -1.73
N ILE A 476 17.45 -14.25 -0.80
CA ILE A 476 16.81 -15.17 0.17
C ILE A 476 15.82 -16.06 -0.51
N GLU A 477 15.02 -15.63 -1.46
CA GLU A 477 14.10 -16.53 -2.15
C GLU A 477 14.88 -17.38 -3.14
N LYS A 478 15.96 -16.86 -3.68
CA LYS A 478 16.83 -17.54 -4.65
C LYS A 478 17.41 -18.77 -3.89
N LEU A 479 17.74 -18.55 -2.62
CA LEU A 479 18.28 -19.68 -1.83
C LEU A 479 17.30 -20.80 -1.57
N ILE A 480 16.03 -20.60 -1.84
CA ILE A 480 15.02 -21.65 -1.58
C ILE A 480 14.23 -22.05 -2.80
N HIS A 481 14.12 -21.17 -3.77
CA HIS A 481 13.38 -21.55 -4.99
C HIS A 481 13.65 -20.58 -6.12
N GLY A 482 14.09 -21.09 -7.26
CA GLY A 482 14.37 -20.40 -8.51
C GLY A 482 15.50 -19.41 -8.41
N PRO A 483 16.71 -19.91 -8.34
CA PRO A 483 17.94 -19.14 -8.22
C PRO A 483 18.13 -18.18 -9.39
N LYS A 484 17.49 -18.54 -10.47
CA LYS A 484 17.48 -17.78 -11.69
C LYS A 484 16.06 -17.60 -12.21
N ALA A 485 15.06 -17.66 -11.31
CA ALA A 485 13.67 -17.48 -11.74
C ALA A 485 13.59 -15.99 -11.98
N GLN A 486 13.16 -15.53 -13.11
CA GLN A 486 13.05 -14.12 -13.47
C GLN A 486 12.36 -13.32 -12.36
N TYR A 487 11.40 -13.93 -11.68
CA TYR A 487 10.64 -13.27 -10.62
C TYR A 487 11.54 -12.98 -9.42
N ASN A 488 12.76 -13.49 -9.35
CA ASN A 488 13.63 -13.23 -8.22
C ASN A 488 14.71 -12.22 -8.56
N GLU A 489 14.52 -11.60 -9.68
CA GLU A 489 15.45 -10.55 -10.17
C GLU A 489 14.65 -9.27 -10.17
N ILE A 490 15.29 -8.15 -10.19
CA ILE A 490 14.85 -6.78 -10.20
C ILE A 490 15.69 -5.85 -11.10
N GLN A 491 15.08 -4.74 -11.45
CA GLN A 491 15.61 -3.66 -12.23
C GLN A 491 16.75 -3.09 -11.34
N GLY A 492 17.94 -2.99 -11.91
CA GLY A 492 19.08 -2.42 -11.18
C GLY A 492 18.92 -0.90 -10.98
N TRP A 493 19.12 -0.44 -9.72
CA TRP A 493 18.95 0.97 -9.44
C TRP A 493 20.31 1.62 -9.19
N ASP A 494 20.34 2.91 -9.45
CA ASP A 494 21.62 3.59 -9.09
C ASP A 494 21.29 4.13 -7.70
N HIS A 495 21.53 3.42 -6.66
CA HIS A 495 21.30 3.66 -5.26
C HIS A 495 21.90 4.98 -4.80
N LEU A 496 23.12 5.22 -5.09
CA LEU A 496 23.78 6.50 -4.66
C LEU A 496 23.07 7.73 -5.17
N SER A 497 22.36 7.78 -6.27
CA SER A 497 21.68 8.99 -6.70
C SER A 497 20.34 9.26 -6.04
N LEU A 498 19.95 8.44 -5.11
CA LEU A 498 18.66 8.49 -4.42
C LEU A 498 18.63 9.73 -3.57
N LEU A 499 19.65 9.94 -2.78
CA LEU A 499 19.76 11.10 -1.90
C LEU A 499 19.54 12.40 -2.68
N PRO A 500 20.36 12.67 -3.67
CA PRO A 500 20.21 13.91 -4.48
C PRO A 500 18.88 14.00 -5.22
N THR A 501 18.37 12.89 -5.75
CA THR A 501 17.04 12.92 -6.44
C THR A 501 15.89 13.35 -5.54
N PHE A 502 16.01 13.11 -4.25
CA PHE A 502 14.97 13.45 -3.26
C PHE A 502 15.12 14.77 -2.56
N GLY A 503 16.04 15.55 -3.03
CA GLY A 503 16.40 16.92 -2.69
C GLY A 503 17.33 17.11 -1.51
N ALA A 504 18.13 16.10 -1.25
CA ALA A 504 19.05 16.11 -0.10
C ALA A 504 20.08 17.15 -0.42
N LYS A 505 20.54 17.79 0.61
CA LYS A 505 21.49 18.89 0.75
C LYS A 505 22.84 18.58 1.39
N ASP A 506 22.67 18.14 2.62
CA ASP A 506 23.72 17.73 3.57
C ASP A 506 23.59 16.20 3.56
N TYR A 507 24.49 15.56 2.87
CA TYR A 507 24.43 14.08 2.83
C TYR A 507 25.80 13.53 2.52
N GLU A 508 25.76 12.23 2.24
CA GLU A 508 27.04 11.57 1.93
C GLU A 508 26.66 10.21 1.39
N THR A 509 27.32 9.75 0.36
CA THR A 509 26.98 8.41 -0.19
C THR A 509 28.30 7.66 -0.15
N HIS A 510 28.28 6.31 -0.26
CA HIS A 510 29.55 5.59 -0.19
C HIS A 510 29.31 4.19 -0.78
N ARG A 511 30.42 3.67 -1.33
CA ARG A 511 30.31 2.29 -1.87
C ARG A 511 31.46 1.55 -1.16
N VAL A 512 31.23 0.29 -0.89
CA VAL A 512 32.21 -0.55 -0.16
C VAL A 512 32.12 -1.92 -0.80
N ALA A 513 33.19 -2.52 -1.24
CA ALA A 513 33.11 -3.85 -1.87
C ALA A 513 34.10 -4.89 -1.28
N THR A 514 34.97 -4.37 -0.45
CA THR A 514 36.02 -5.10 0.18
C THR A 514 36.16 -4.72 1.66
N THR A 515 36.65 -5.75 2.24
CA THR A 515 37.10 -5.84 3.65
C THR A 515 37.80 -4.55 3.94
N GLY A 516 38.79 -4.18 3.17
CA GLY A 516 39.57 -2.93 3.41
C GLY A 516 38.76 -1.67 3.44
N GLU A 517 37.77 -1.60 2.61
CA GLU A 517 36.86 -0.43 2.50
C GLU A 517 35.88 -0.29 3.65
N TRP A 518 35.45 -1.46 4.11
CA TRP A 518 34.48 -1.46 5.26
C TRP A 518 35.16 -0.80 6.45
N ASP A 519 36.35 -1.39 6.65
CA ASP A 519 37.19 -0.91 7.77
C ASP A 519 37.53 0.56 7.70
N LYS A 520 38.03 0.95 6.55
CA LYS A 520 38.52 2.33 6.30
C LYS A 520 37.38 3.25 6.66
N LEU A 521 36.20 3.02 6.14
CA LEU A 521 35.06 3.92 6.42
C LEU A 521 34.43 3.76 7.77
N THR A 522 34.18 2.55 8.20
CA THR A 522 33.62 2.31 9.55
C THR A 522 34.57 2.71 10.65
N GLN A 523 35.87 2.83 10.39
CA GLN A 523 36.79 3.25 11.49
C GLN A 523 37.09 4.73 11.46
N ASP A 524 36.56 5.46 10.48
CA ASP A 524 36.71 6.91 10.35
C ASP A 524 35.90 7.57 11.50
N LYS A 525 36.53 8.57 12.11
CA LYS A 525 35.94 9.27 13.23
C LYS A 525 34.76 10.13 12.75
N SER A 526 34.92 10.77 11.59
CA SER A 526 33.73 11.61 11.18
C SER A 526 32.52 10.74 10.88
N PHE A 527 32.79 9.57 10.35
CA PHE A 527 31.83 8.56 9.98
C PHE A 527 30.89 8.15 11.09
N ASN A 528 31.46 7.91 12.24
CA ASN A 528 30.84 7.49 13.49
C ASN A 528 30.00 8.56 14.17
N ASP A 529 29.95 9.67 13.47
CA ASP A 529 29.21 10.85 14.02
C ASP A 529 27.99 11.03 13.16
N ASN A 530 26.81 11.20 13.75
CA ASN A 530 25.57 11.38 12.99
C ASN A 530 25.36 12.87 12.74
N SER A 531 26.21 13.34 11.87
CA SER A 531 26.19 14.77 11.43
C SER A 531 25.31 14.94 10.22
N LYS A 532 25.15 13.93 9.37
CA LYS A 532 24.29 13.99 8.18
C LYS A 532 23.64 12.67 7.80
N ILE A 533 22.68 12.67 6.90
CA ILE A 533 22.00 11.45 6.40
C ILE A 533 23.13 10.86 5.50
N ARG A 534 23.21 9.54 5.51
CA ARG A 534 24.25 8.85 4.71
C ARG A 534 23.73 7.60 4.05
N MET A 535 24.27 7.23 2.90
CA MET A 535 23.82 5.98 2.23
C MET A 535 25.14 5.26 1.95
N ILE A 536 25.16 4.00 2.23
CA ILE A 536 26.34 3.17 2.06
C ILE A 536 25.89 1.91 1.33
N GLU A 537 26.22 1.92 0.06
CA GLU A 537 25.94 0.75 -0.79
C GLU A 537 26.98 -0.32 -0.51
N ILE A 538 26.54 -1.54 -0.27
CA ILE A 538 27.38 -2.70 0.01
C ILE A 538 27.36 -3.66 -1.19
N MET A 539 28.54 -3.96 -1.76
CA MET A 539 28.50 -4.84 -2.96
C MET A 539 28.73 -6.26 -2.53
N LEU A 540 27.75 -7.09 -2.80
CA LEU A 540 27.76 -8.52 -2.41
C LEU A 540 27.40 -9.47 -3.53
N PRO A 541 27.93 -10.71 -3.50
CA PRO A 541 27.67 -11.76 -4.48
C PRO A 541 26.21 -12.23 -4.41
N VAL A 542 25.62 -12.48 -5.56
CA VAL A 542 24.21 -12.92 -5.60
C VAL A 542 23.89 -14.11 -4.68
N PHE A 543 24.77 -15.07 -4.54
CA PHE A 543 24.43 -16.27 -3.74
C PHE A 543 24.96 -16.30 -2.33
N ASP A 544 25.42 -15.19 -1.85
CA ASP A 544 25.99 -14.98 -0.57
C ASP A 544 24.98 -14.66 0.55
N ALA A 545 25.13 -15.42 1.64
CA ALA A 545 24.24 -15.12 2.81
C ALA A 545 25.04 -15.64 3.99
N PRO A 546 24.53 -15.46 5.18
CA PRO A 546 25.24 -15.95 6.41
C PRO A 546 25.39 -17.44 6.20
N GLN A 547 26.54 -18.00 6.50
CA GLN A 547 27.01 -19.36 6.39
C GLN A 547 25.98 -20.47 6.55
N ASN A 548 25.51 -20.54 7.74
CA ASN A 548 24.55 -21.43 8.36
C ASN A 548 23.27 -21.58 7.54
N LEU A 549 22.88 -20.53 6.91
CA LEU A 549 21.68 -20.40 6.09
C LEU A 549 21.86 -21.02 4.74
N VAL A 550 23.11 -21.08 4.30
CA VAL A 550 23.50 -21.70 3.04
C VAL A 550 23.64 -23.19 3.09
N LYS A 551 24.04 -23.70 4.24
CA LYS A 551 24.21 -25.12 4.58
C LYS A 551 22.83 -25.80 4.65
N GLN A 552 21.94 -25.11 5.34
CA GLN A 552 20.56 -25.61 5.58
C GLN A 552 19.87 -25.39 4.26
N ALA A 553 19.87 -24.11 3.79
CA ALA A 553 19.22 -23.93 2.46
C ALA A 553 19.61 -24.88 1.34
N LYS A 554 20.87 -25.26 1.28
CA LYS A 554 21.36 -26.14 0.18
C LYS A 554 20.71 -27.51 0.20
N LEU A 555 20.89 -28.30 1.22
CA LEU A 555 20.45 -29.66 1.57
C LEU A 555 19.00 -29.75 1.94
N THR A 556 18.48 -28.60 2.30
CA THR A 556 17.05 -28.52 2.63
C THR A 556 16.36 -28.98 1.36
N SER B 2 -4.06 -36.99 -20.91
CA SER B 2 -2.96 -36.01 -20.74
C SER B 2 -3.42 -35.10 -19.58
N GLU B 3 -2.48 -34.79 -18.72
CA GLU B 3 -2.70 -33.97 -17.55
C GLU B 3 -1.77 -32.76 -17.54
N ILE B 4 -2.30 -31.70 -17.00
CA ILE B 4 -1.64 -30.39 -16.85
C ILE B 4 -1.76 -30.08 -15.33
N THR B 5 -0.86 -29.32 -14.78
CA THR B 5 -0.89 -28.97 -13.36
C THR B 5 -2.01 -27.91 -13.25
N LEU B 6 -2.56 -27.87 -12.06
CA LEU B 6 -3.62 -26.82 -11.83
C LEU B 6 -2.96 -25.46 -12.05
N GLY B 7 -1.72 -25.26 -11.60
CA GLY B 7 -1.02 -24.00 -11.80
C GLY B 7 -0.96 -23.59 -13.27
N LYS B 8 -0.68 -24.50 -14.18
CA LYS B 8 -0.57 -24.17 -15.61
C LYS B 8 -1.93 -24.00 -16.27
N TYR B 9 -2.95 -24.67 -15.81
CA TYR B 9 -4.32 -24.52 -16.30
C TYR B 9 -4.74 -23.04 -16.16
N LEU B 10 -4.52 -22.50 -14.96
CA LEU B 10 -4.79 -21.11 -14.64
C LEU B 10 -4.20 -20.20 -15.73
N PHE B 11 -2.90 -20.31 -15.98
CA PHE B 11 -2.23 -19.51 -17.00
C PHE B 11 -2.74 -19.72 -18.41
N GLU B 12 -3.14 -20.87 -18.83
CA GLU B 12 -3.67 -21.31 -20.12
C GLU B 12 -4.99 -20.66 -20.33
N ARG B 13 -5.87 -20.76 -19.38
CA ARG B 13 -7.20 -20.13 -19.39
C ARG B 13 -6.99 -18.63 -19.52
N LEU B 14 -6.03 -18.03 -18.80
CA LEU B 14 -5.74 -16.59 -18.98
C LEU B 14 -5.29 -16.26 -20.39
N LYS B 15 -4.37 -17.07 -20.91
CA LYS B 15 -3.89 -16.88 -22.27
C LYS B 15 -5.17 -16.83 -23.14
N GLN B 16 -6.08 -17.79 -22.90
CA GLN B 16 -7.33 -17.89 -23.65
C GLN B 16 -8.24 -16.70 -23.47
N VAL B 17 -8.20 -16.01 -22.34
CA VAL B 17 -9.07 -14.83 -22.18
C VAL B 17 -8.33 -13.57 -22.58
N ASN B 18 -7.09 -13.77 -23.01
CA ASN B 18 -6.22 -12.67 -23.42
C ASN B 18 -5.59 -11.86 -22.30
N VAL B 19 -5.44 -12.44 -21.12
CA VAL B 19 -4.71 -11.75 -20.05
C VAL B 19 -3.28 -12.21 -20.29
N ASN B 20 -2.43 -11.42 -20.96
CA ASN B 20 -1.09 -11.90 -21.26
C ASN B 20 -0.06 -11.37 -20.31
N THR B 21 -0.38 -10.41 -19.49
CA THR B 21 0.62 -9.94 -18.50
C THR B 21 -0.03 -10.07 -17.12
N VAL B 22 0.84 -10.55 -16.24
CA VAL B 22 0.39 -10.84 -14.83
C VAL B 22 1.18 -9.94 -13.89
N PHE B 23 0.33 -9.31 -13.06
CA PHE B 23 0.81 -8.36 -12.02
C PHE B 23 1.09 -9.00 -10.70
N GLY B 24 1.94 -8.43 -9.87
CA GLY B 24 2.18 -8.95 -8.51
C GLY B 24 3.59 -9.06 -8.02
N LEU B 25 3.72 -9.60 -6.82
CA LEU B 25 5.06 -9.82 -6.26
C LEU B 25 5.16 -11.31 -5.79
N PRO B 26 6.34 -11.87 -5.94
CA PRO B 26 6.61 -13.20 -5.48
C PRO B 26 6.60 -13.12 -3.93
N GLY B 27 6.41 -14.28 -3.32
CA GLY B 27 6.46 -14.46 -1.88
C GLY B 27 6.34 -15.94 -1.50
N ASP B 28 6.40 -16.11 -0.20
CA ASP B 28 6.34 -17.39 0.48
C ASP B 28 5.38 -18.41 -0.08
N PHE B 29 4.15 -17.95 -0.23
CA PHE B 29 3.11 -18.85 -0.75
C PHE B 29 2.84 -18.81 -2.23
N ASN B 30 3.64 -18.12 -3.09
CA ASN B 30 3.21 -18.21 -4.53
C ASN B 30 4.17 -18.71 -5.55
N LEU B 31 5.37 -19.04 -5.22
CA LEU B 31 6.46 -19.43 -6.10
C LEU B 31 6.24 -20.56 -7.10
N SER B 32 5.61 -21.63 -6.76
CA SER B 32 5.46 -22.74 -7.75
C SER B 32 4.44 -22.30 -8.79
N LEU B 33 3.57 -21.41 -8.43
CA LEU B 33 2.52 -20.92 -9.34
C LEU B 33 3.26 -20.06 -10.39
N LEU B 34 4.03 -19.19 -9.80
CA LEU B 34 4.87 -18.23 -10.51
C LEU B 34 5.66 -19.02 -11.52
N ASP B 35 6.17 -20.19 -11.08
CA ASP B 35 6.94 -20.93 -12.12
C ASP B 35 6.11 -21.33 -13.35
N LYS B 36 4.81 -21.53 -13.28
CA LYS B 36 4.01 -22.01 -14.43
C LYS B 36 3.86 -21.01 -15.54
N ILE B 37 3.90 -19.74 -15.16
CA ILE B 37 3.83 -18.62 -16.09
C ILE B 37 4.90 -18.83 -17.19
N TYR B 38 6.10 -19.25 -16.79
CA TYR B 38 7.12 -19.43 -17.84
C TYR B 38 6.91 -20.60 -18.79
N GLU B 39 6.10 -21.55 -18.45
CA GLU B 39 5.82 -22.73 -19.27
C GLU B 39 4.79 -22.46 -20.35
N VAL B 40 4.03 -21.42 -20.17
CA VAL B 40 2.99 -20.95 -21.07
C VAL B 40 3.66 -19.80 -21.87
N GLU B 41 3.64 -20.08 -23.15
CA GLU B 41 4.15 -19.27 -24.26
C GLU B 41 3.29 -18.04 -24.49
N GLY B 42 3.89 -16.87 -24.41
CA GLY B 42 3.23 -15.56 -24.61
C GLY B 42 2.77 -14.78 -23.38
N MET B 43 2.91 -15.51 -22.28
CA MET B 43 2.56 -15.06 -20.91
C MET B 43 3.77 -14.36 -20.32
N ARG B 44 3.56 -13.40 -19.45
CA ARG B 44 4.69 -12.69 -18.79
C ARG B 44 4.27 -12.09 -17.46
N TRP B 45 5.24 -12.04 -16.60
CA TRP B 45 5.30 -11.61 -15.22
C TRP B 45 5.96 -10.22 -15.17
N ALA B 46 5.21 -9.21 -14.87
CA ALA B 46 5.65 -7.83 -14.83
C ALA B 46 6.75 -7.58 -13.83
N GLY B 47 6.67 -8.09 -12.64
CA GLY B 47 7.66 -7.95 -11.56
C GLY B 47 7.42 -6.54 -11.04
N ASN B 48 6.38 -6.34 -10.21
CA ASN B 48 6.19 -4.90 -9.81
C ASN B 48 7.12 -4.48 -8.68
N ALA B 49 7.23 -3.19 -8.46
CA ALA B 49 8.03 -2.62 -7.39
C ALA B 49 7.28 -2.79 -6.09
N ASN B 50 5.98 -3.02 -6.11
CA ASN B 50 5.16 -3.19 -4.89
C ASN B 50 3.75 -3.65 -5.27
N GLU B 51 3.05 -4.13 -4.25
CA GLU B 51 1.71 -4.67 -4.41
C GLU B 51 0.61 -3.62 -4.62
N LEU B 52 0.68 -2.44 -4.03
CA LEU B 52 -0.34 -1.42 -4.22
C LEU B 52 -0.33 -1.11 -5.73
N ASN B 53 0.91 -0.82 -6.12
CA ASN B 53 1.36 -0.45 -7.44
C ASN B 53 0.78 -1.43 -8.47
N ALA B 54 1.08 -2.69 -8.29
CA ALA B 54 0.61 -3.78 -9.14
C ALA B 54 -0.88 -3.89 -9.20
N ALA B 55 -1.64 -3.53 -8.19
CA ALA B 55 -3.11 -3.51 -8.17
C ALA B 55 -3.55 -2.41 -9.18
N TYR B 56 -3.00 -1.24 -8.98
CA TYR B 56 -3.15 -0.03 -9.75
C TYR B 56 -2.90 -0.39 -11.24
N ALA B 57 -1.75 -1.03 -11.41
CA ALA B 57 -1.38 -1.62 -12.71
C ALA B 57 -2.43 -2.61 -13.24
N ALA B 58 -2.76 -3.62 -12.41
CA ALA B 58 -3.79 -4.60 -12.84
C ALA B 58 -5.07 -3.88 -13.25
N ASP B 59 -5.46 -2.87 -12.58
CA ASP B 59 -6.67 -2.02 -12.89
C ASP B 59 -6.47 -1.35 -14.23
N GLY B 60 -5.33 -0.69 -14.41
CA GLY B 60 -4.92 -0.04 -15.65
C GLY B 60 -5.07 -0.95 -16.89
N TYR B 61 -4.54 -2.17 -16.77
CA TYR B 61 -4.53 -3.18 -17.82
C TYR B 61 -5.93 -3.55 -18.23
N ALA B 62 -6.76 -3.92 -17.26
CA ALA B 62 -8.17 -4.28 -17.42
C ALA B 62 -8.96 -3.25 -18.20
N ARG B 63 -8.78 -1.99 -17.83
CA ARG B 63 -9.47 -0.85 -18.44
C ARG B 63 -9.30 -0.92 -19.96
N ILE B 64 -8.11 -1.14 -20.44
CA ILE B 64 -7.73 -1.27 -21.85
C ILE B 64 -8.08 -2.65 -22.43
N LYS B 65 -7.59 -3.74 -21.94
CA LYS B 65 -7.83 -5.12 -22.39
C LYS B 65 -9.14 -5.80 -22.06
N GLY B 66 -9.86 -5.60 -21.00
CA GLY B 66 -11.15 -6.23 -20.72
C GLY B 66 -11.18 -6.81 -19.29
N MET B 67 -10.00 -7.33 -18.90
CA MET B 67 -9.86 -7.88 -17.50
C MET B 67 -8.34 -7.94 -17.28
N SER B 68 -7.97 -8.38 -16.10
CA SER B 68 -6.56 -8.51 -15.74
C SER B 68 -6.48 -9.50 -14.57
N CYS B 69 -5.26 -9.70 -14.12
CA CYS B 69 -4.95 -10.62 -13.04
C CYS B 69 -3.75 -10.16 -12.22
N ILE B 70 -3.90 -10.18 -10.91
CA ILE B 70 -2.78 -9.79 -10.00
C ILE B 70 -2.55 -11.01 -9.06
N ILE B 71 -1.31 -11.40 -8.90
CA ILE B 71 -0.88 -12.49 -8.07
C ILE B 71 -0.09 -11.98 -6.84
N THR B 72 -0.57 -12.31 -5.66
CA THR B 72 0.10 -11.91 -4.41
C THR B 72 0.27 -13.09 -3.43
N THR B 73 0.82 -12.78 -2.28
CA THR B 73 1.14 -13.72 -1.24
C THR B 73 0.38 -13.38 0.02
N PHE B 74 0.06 -14.48 0.71
CA PHE B 74 -0.69 -14.43 1.97
C PHE B 74 -0.24 -13.33 2.93
N GLY B 75 -1.18 -12.61 3.52
CA GLY B 75 -0.91 -11.55 4.48
C GLY B 75 -0.34 -10.27 3.84
N VAL B 76 0.94 -10.20 3.86
CA VAL B 76 1.81 -9.16 3.35
C VAL B 76 1.60 -8.74 1.89
N GLY B 77 1.24 -9.65 1.00
CA GLY B 77 1.08 -9.29 -0.39
C GLY B 77 -0.35 -8.79 -0.55
N GLU B 78 -1.30 -9.56 -0.05
CA GLU B 78 -2.70 -9.22 -0.16
C GLU B 78 -3.13 -7.97 0.56
N LEU B 79 -2.71 -7.83 1.82
CA LEU B 79 -3.13 -6.63 2.56
C LEU B 79 -2.63 -5.40 1.79
N SER B 80 -1.43 -5.47 1.23
CA SER B 80 -0.93 -4.29 0.51
C SER B 80 -1.70 -3.92 -0.75
N ALA B 81 -2.44 -4.78 -1.35
CA ALA B 81 -3.15 -4.50 -2.62
C ALA B 81 -4.50 -3.92 -2.44
N LEU B 82 -5.11 -4.09 -1.29
CA LEU B 82 -6.50 -3.68 -1.02
C LEU B 82 -6.97 -2.32 -1.43
N ASN B 83 -6.16 -1.30 -1.36
CA ASN B 83 -6.62 0.05 -1.77
C ASN B 83 -6.86 0.04 -3.29
N GLY B 84 -5.98 -0.71 -3.92
CA GLY B 84 -6.01 -0.93 -5.39
C GLY B 84 -7.32 -1.63 -5.72
N ILE B 85 -7.50 -2.81 -5.16
CA ILE B 85 -8.71 -3.65 -5.38
C ILE B 85 -9.99 -2.91 -5.03
N ALA B 86 -10.08 -2.16 -3.95
CA ALA B 86 -11.30 -1.43 -3.60
C ALA B 86 -11.72 -0.45 -4.68
N GLY B 87 -10.71 0.12 -5.25
CA GLY B 87 -10.67 1.10 -6.35
C GLY B 87 -11.29 0.44 -7.53
N SER B 88 -10.93 -0.75 -7.87
CA SER B 88 -11.52 -1.52 -8.98
C SER B 88 -12.99 -1.84 -8.69
N TYR B 89 -13.31 -2.10 -7.47
CA TYR B 89 -14.69 -2.41 -7.05
C TYR B 89 -15.63 -1.22 -7.27
N ALA B 90 -15.21 -0.07 -6.75
CA ALA B 90 -15.95 1.18 -6.88
C ALA B 90 -16.19 1.56 -8.34
N GLU B 91 -15.20 1.42 -9.21
CA GLU B 91 -15.34 1.78 -10.64
C GLU B 91 -15.62 0.70 -11.62
N HIS B 92 -15.94 -0.51 -11.17
CA HIS B 92 -16.29 -1.61 -12.08
C HIS B 92 -15.17 -2.03 -12.99
N VAL B 93 -14.06 -2.44 -12.36
CA VAL B 93 -12.91 -2.91 -13.20
C VAL B 93 -12.66 -4.36 -12.88
N GLY B 94 -12.63 -5.20 -13.87
CA GLY B 94 -12.45 -6.63 -13.79
C GLY B 94 -11.07 -7.09 -13.37
N VAL B 95 -10.82 -7.13 -12.07
CA VAL B 95 -9.50 -7.56 -11.61
C VAL B 95 -9.66 -8.89 -10.87
N LEU B 96 -8.99 -9.92 -11.33
CA LEU B 96 -9.00 -11.23 -10.62
C LEU B 96 -7.71 -11.14 -9.77
N HIS B 97 -7.98 -11.13 -8.48
CA HIS B 97 -6.85 -11.11 -7.52
C HIS B 97 -6.67 -12.57 -7.13
N VAL B 98 -5.60 -13.21 -7.43
CA VAL B 98 -5.20 -14.56 -7.09
C VAL B 98 -4.22 -14.40 -5.92
N VAL B 99 -4.50 -15.05 -4.82
CA VAL B 99 -3.58 -14.97 -3.65
C VAL B 99 -3.15 -16.42 -3.39
N GLY B 100 -1.88 -16.65 -3.15
CA GLY B 100 -1.29 -17.97 -2.94
C GLY B 100 -1.22 -18.06 -1.39
N VAL B 101 -1.91 -19.07 -0.86
CA VAL B 101 -1.98 -19.30 0.58
C VAL B 101 -1.41 -20.66 0.98
N PRO B 102 -0.96 -20.72 2.22
CA PRO B 102 -0.36 -21.90 2.83
C PRO B 102 -1.15 -23.15 2.56
N SER B 103 -0.48 -24.31 2.44
CA SER B 103 -1.19 -25.56 2.15
C SER B 103 -2.41 -25.86 3.00
N ILE B 104 -3.28 -26.72 2.50
CA ILE B 104 -4.49 -27.06 3.28
C ILE B 104 -3.95 -27.58 4.63
N SER B 105 -3.73 -26.66 5.51
CA SER B 105 -3.23 -26.76 6.88
C SER B 105 -3.04 -25.31 7.42
N HIS B 114 2.94 -16.74 11.13
CA HIS B 114 3.97 -16.22 10.17
C HIS B 114 3.42 -15.56 8.90
N HIS B 115 3.19 -14.28 8.97
CA HIS B 115 2.60 -13.43 7.91
C HIS B 115 1.16 -13.79 8.28
N THR B 116 0.98 -14.00 9.59
CA THR B 116 -0.25 -14.30 10.26
C THR B 116 -0.36 -13.31 11.44
N LEU B 117 -1.56 -13.17 11.90
CA LEU B 117 -1.95 -12.32 13.03
C LEU B 117 -1.57 -13.00 14.34
N GLY B 118 -0.78 -14.06 14.30
CA GLY B 118 -0.35 -14.85 15.42
C GLY B 118 -1.52 -15.52 16.11
N ASN B 119 -2.72 -15.61 15.56
CA ASN B 119 -3.85 -16.25 16.23
C ASN B 119 -4.34 -17.55 15.62
N GLY B 120 -3.71 -18.06 14.58
CA GLY B 120 -4.15 -19.27 13.89
C GLY B 120 -5.50 -19.16 13.21
N ASP B 121 -5.82 -17.97 12.72
CA ASP B 121 -7.02 -17.64 11.92
C ASP B 121 -6.32 -17.54 10.53
N PHE B 122 -6.68 -18.41 9.61
CA PHE B 122 -6.10 -18.37 8.25
C PHE B 122 -7.19 -17.91 7.31
N THR B 123 -8.31 -17.49 7.83
CA THR B 123 -9.47 -17.00 7.04
C THR B 123 -9.54 -15.50 7.20
N VAL B 124 -8.72 -14.84 7.93
CA VAL B 124 -8.87 -13.35 8.11
C VAL B 124 -8.76 -12.50 6.90
N PHE B 125 -7.71 -12.47 6.15
CA PHE B 125 -7.53 -11.62 4.94
C PHE B 125 -8.59 -11.84 3.91
N HIS B 126 -9.01 -13.08 3.71
CA HIS B 126 -10.08 -13.56 2.82
C HIS B 126 -11.39 -12.83 3.13
N ARG B 127 -11.62 -12.81 4.42
CA ARG B 127 -12.76 -12.14 5.05
C ARG B 127 -12.64 -10.63 4.78
N MET B 128 -11.51 -10.02 4.76
CA MET B 128 -11.36 -8.59 4.52
C MET B 128 -11.59 -8.36 3.02
N SER B 129 -11.03 -9.22 2.16
CA SER B 129 -11.25 -9.08 0.74
C SER B 129 -12.69 -9.23 0.30
N ALA B 130 -13.43 -10.14 0.92
CA ALA B 130 -14.87 -10.34 0.55
C ALA B 130 -15.71 -9.07 0.50
N ASN B 131 -15.44 -7.99 1.20
CA ASN B 131 -16.22 -6.73 1.17
C ASN B 131 -15.95 -5.88 -0.08
N ILE B 132 -14.84 -6.18 -0.72
CA ILE B 132 -14.45 -5.46 -1.98
C ILE B 132 -14.26 -6.47 -3.11
N SER B 133 -15.11 -7.45 -3.18
CA SER B 133 -15.08 -8.53 -4.17
C SER B 133 -16.49 -8.83 -4.64
N GLU B 134 -16.62 -9.25 -5.89
CA GLU B 134 -18.00 -9.58 -6.37
C GLU B 134 -18.36 -10.98 -5.83
N THR B 135 -17.27 -11.75 -5.80
CA THR B 135 -17.30 -13.15 -5.40
C THR B 135 -15.88 -13.48 -5.01
N THR B 136 -15.83 -14.48 -4.18
CA THR B 136 -14.69 -15.10 -3.54
C THR B 136 -14.67 -16.61 -3.70
N ALA B 137 -13.46 -17.14 -3.58
CA ALA B 137 -13.24 -18.57 -3.71
C ALA B 137 -11.94 -18.96 -3.07
N MET B 138 -12.07 -19.96 -2.22
CA MET B 138 -10.91 -20.60 -1.56
C MET B 138 -11.02 -22.02 -2.15
N ILE B 139 -10.01 -22.37 -2.90
CA ILE B 139 -9.90 -23.67 -3.55
C ILE B 139 -9.31 -24.63 -2.52
N THR B 140 -9.94 -25.74 -2.32
CA THR B 140 -9.64 -26.87 -1.45
C THR B 140 -9.79 -28.26 -2.06
N ASP B 141 -10.08 -28.40 -3.32
CA ASP B 141 -10.31 -29.70 -3.98
C ASP B 141 -9.96 -29.59 -5.43
N ILE B 142 -9.16 -30.47 -5.99
CA ILE B 142 -8.83 -30.44 -7.41
C ILE B 142 -9.98 -31.09 -8.20
N ALA B 143 -10.96 -31.58 -7.46
CA ALA B 143 -12.03 -32.24 -8.27
C ALA B 143 -12.80 -31.06 -8.90
N THR B 144 -12.96 -30.01 -8.09
CA THR B 144 -13.70 -28.82 -8.54
C THR B 144 -12.86 -27.61 -8.89
N ALA B 145 -11.64 -27.63 -8.43
CA ALA B 145 -10.69 -26.53 -8.72
C ALA B 145 -10.84 -25.92 -10.11
N PRO B 146 -10.72 -26.71 -11.15
CA PRO B 146 -10.81 -26.22 -12.54
C PRO B 146 -12.09 -25.46 -12.78
N ALA B 147 -13.17 -26.01 -12.27
CA ALA B 147 -14.52 -25.43 -12.31
C ALA B 147 -14.54 -24.09 -11.54
N GLU B 148 -13.90 -24.00 -10.40
CA GLU B 148 -13.84 -22.80 -9.57
C GLU B 148 -13.13 -21.73 -10.40
N ILE B 149 -11.90 -21.85 -10.76
CA ILE B 149 -11.11 -21.06 -11.62
C ILE B 149 -11.90 -20.54 -12.85
N ASP B 150 -12.43 -21.43 -13.63
CA ASP B 150 -13.21 -21.07 -14.81
C ASP B 150 -14.31 -20.06 -14.37
N ARG B 151 -14.96 -20.35 -13.27
CA ARG B 151 -16.06 -19.54 -12.74
C ARG B 151 -15.56 -18.13 -12.38
N CYS B 152 -14.58 -18.05 -11.55
CA CYS B 152 -14.00 -16.77 -11.13
C CYS B 152 -13.64 -15.89 -12.31
N ILE B 153 -13.00 -16.46 -13.34
CA ILE B 153 -12.58 -15.69 -14.50
C ILE B 153 -13.77 -15.09 -15.26
N ARG B 154 -14.80 -15.94 -15.32
CA ARG B 154 -16.02 -15.49 -16.04
C ARG B 154 -16.64 -14.37 -15.24
N THR B 155 -16.71 -14.47 -13.93
CA THR B 155 -17.33 -13.38 -13.16
C THR B 155 -16.62 -12.03 -13.24
N THR B 156 -15.33 -12.06 -13.23
CA THR B 156 -14.46 -10.92 -13.34
C THR B 156 -14.83 -10.20 -14.65
N TYR B 157 -14.81 -11.07 -15.65
CA TYR B 157 -15.12 -10.63 -16.99
C TYR B 157 -16.47 -9.97 -17.04
N VAL B 158 -17.51 -10.80 -16.89
CA VAL B 158 -18.90 -10.42 -16.99
C VAL B 158 -19.42 -9.33 -16.10
N THR B 159 -18.92 -9.26 -14.91
CA THR B 159 -19.42 -8.24 -13.95
C THR B 159 -18.52 -6.99 -13.99
N GLN B 160 -17.27 -7.18 -14.41
CA GLN B 160 -16.33 -6.07 -14.45
C GLN B 160 -16.22 -5.68 -12.96
N ARG B 161 -15.90 -6.68 -12.15
CA ARG B 161 -15.73 -6.48 -10.71
C ARG B 161 -14.67 -7.48 -10.24
N PRO B 162 -13.82 -7.01 -9.30
CA PRO B 162 -12.84 -7.85 -8.68
C PRO B 162 -13.35 -9.17 -8.16
N VAL B 163 -12.46 -10.14 -8.17
CA VAL B 163 -12.70 -11.52 -7.69
C VAL B 163 -11.43 -11.99 -6.99
N TYR B 164 -11.64 -12.64 -5.88
CA TYR B 164 -10.62 -13.18 -4.98
C TYR B 164 -10.49 -14.69 -5.10
N LEU B 165 -9.34 -15.18 -5.49
CA LEU B 165 -9.15 -16.64 -5.59
C LEU B 165 -7.99 -17.01 -4.68
N GLY B 166 -8.26 -17.67 -3.56
CA GLY B 166 -7.16 -18.12 -2.65
C GLY B 166 -6.76 -19.46 -3.26
N LEU B 167 -5.49 -19.72 -3.43
CA LEU B 167 -5.05 -21.01 -4.00
C LEU B 167 -3.94 -21.64 -3.19
N PRO B 168 -4.25 -22.60 -2.32
CA PRO B 168 -3.32 -23.30 -1.47
C PRO B 168 -2.12 -23.90 -2.14
N ALA B 169 -0.94 -23.57 -1.69
CA ALA B 169 0.33 -24.02 -2.31
C ALA B 169 0.44 -25.47 -2.77
N ASN B 170 -0.17 -26.38 -2.03
CA ASN B 170 -0.10 -27.81 -2.33
C ASN B 170 -0.90 -28.12 -3.59
N LEU B 171 -2.04 -27.44 -3.80
CA LEU B 171 -2.83 -27.77 -5.00
C LEU B 171 -2.30 -27.36 -6.34
N VAL B 172 -1.47 -26.37 -6.49
CA VAL B 172 -0.88 -25.77 -7.65
C VAL B 172 -0.15 -26.79 -8.54
N ASP B 173 0.43 -27.76 -7.82
CA ASP B 173 1.23 -28.78 -8.54
C ASP B 173 0.49 -30.06 -8.84
N LEU B 174 -0.79 -30.08 -8.51
CA LEU B 174 -1.70 -31.17 -8.71
C LEU B 174 -2.20 -31.16 -10.13
N ASN B 175 -2.40 -32.36 -10.68
CA ASN B 175 -2.80 -32.59 -12.08
C ASN B 175 -4.30 -32.55 -12.35
N VAL B 176 -4.52 -32.15 -13.61
CA VAL B 176 -5.85 -31.99 -14.20
C VAL B 176 -5.85 -32.42 -15.64
N PRO B 177 -6.98 -32.96 -16.04
CA PRO B 177 -7.16 -33.42 -17.42
C PRO B 177 -6.91 -32.25 -18.34
N ALA B 178 -5.92 -32.37 -19.21
CA ALA B 178 -5.61 -31.30 -20.15
C ALA B 178 -6.79 -30.99 -21.08
N LYS B 179 -7.61 -31.99 -21.22
CA LYS B 179 -8.80 -31.91 -22.09
C LYS B 179 -9.76 -30.80 -21.73
N LEU B 180 -9.83 -30.38 -20.49
CA LEU B 180 -10.72 -29.31 -20.05
C LEU B 180 -10.39 -28.01 -20.76
N LEU B 181 -9.17 -27.79 -21.27
CA LEU B 181 -8.86 -26.52 -21.93
C LEU B 181 -9.44 -26.35 -23.31
N GLN B 182 -9.77 -27.47 -23.99
CA GLN B 182 -10.29 -27.40 -25.35
C GLN B 182 -11.68 -26.84 -25.36
N THR B 183 -12.31 -26.73 -24.20
CA THR B 183 -13.67 -26.15 -24.13
C THR B 183 -13.43 -24.75 -23.53
N PRO B 184 -13.91 -23.74 -24.20
CA PRO B 184 -13.70 -22.33 -23.79
C PRO B 184 -14.67 -21.92 -22.71
N ILE B 185 -14.23 -21.02 -21.86
CA ILE B 185 -15.10 -20.53 -20.78
C ILE B 185 -16.12 -19.71 -21.62
N ASP B 186 -17.32 -19.67 -21.18
CA ASP B 186 -18.39 -18.89 -21.85
C ASP B 186 -18.11 -17.51 -21.20
N MET B 187 -17.74 -16.54 -22.00
CA MET B 187 -17.43 -15.22 -21.52
C MET B 187 -18.56 -14.24 -21.92
N SER B 188 -19.52 -14.82 -22.57
CA SER B 188 -20.69 -14.18 -23.12
C SER B 188 -21.86 -13.99 -22.17
N LEU B 189 -22.41 -12.79 -22.28
CA LEU B 189 -23.60 -12.44 -21.50
C LEU B 189 -24.71 -13.36 -21.99
N LYS B 190 -25.60 -13.60 -21.06
CA LYS B 190 -26.81 -14.39 -21.31
C LYS B 190 -27.81 -13.46 -22.01
N PRO B 191 -28.62 -14.03 -22.91
CA PRO B 191 -29.65 -13.32 -23.68
C PRO B 191 -30.80 -12.90 -22.79
N ASN B 192 -31.35 -11.70 -23.00
CA ASN B 192 -32.43 -11.25 -22.09
C ASN B 192 -33.72 -12.05 -22.14
N ASP B 193 -34.55 -11.82 -21.10
CA ASP B 193 -35.89 -12.44 -21.06
C ASP B 193 -36.53 -11.66 -22.24
N ALA B 194 -37.10 -12.30 -23.21
CA ALA B 194 -37.65 -11.64 -24.39
C ALA B 194 -38.82 -10.69 -24.26
N GLU B 195 -39.77 -11.05 -23.41
CA GLU B 195 -40.98 -10.24 -23.23
C GLU B 195 -40.66 -8.89 -22.62
N SER B 196 -39.81 -8.93 -21.62
CA SER B 196 -39.34 -7.77 -20.90
C SER B 196 -38.53 -6.96 -21.93
N GLU B 197 -37.56 -7.62 -22.52
CA GLU B 197 -36.74 -6.92 -23.51
C GLU B 197 -37.63 -6.18 -24.49
N LYS B 198 -38.63 -6.82 -25.01
CA LYS B 198 -39.59 -6.19 -25.94
C LYS B 198 -40.26 -4.96 -25.35
N GLU B 199 -40.88 -5.15 -24.24
CA GLU B 199 -41.58 -4.10 -23.47
C GLU B 199 -40.75 -2.80 -23.49
N VAL B 200 -39.51 -2.90 -23.11
CA VAL B 200 -38.53 -1.78 -23.03
C VAL B 200 -38.32 -1.18 -24.42
N ILE B 201 -37.82 -2.02 -25.34
CA ILE B 201 -37.63 -1.56 -26.72
C ILE B 201 -38.79 -0.68 -27.18
N ASP B 202 -39.98 -1.25 -27.10
CA ASP B 202 -41.23 -0.66 -27.50
C ASP B 202 -41.55 0.71 -26.93
N THR B 203 -41.40 0.89 -25.67
CA THR B 203 -41.59 2.15 -24.94
C THR B 203 -40.44 3.09 -25.30
N ILE B 204 -39.27 2.50 -25.53
CA ILE B 204 -38.15 3.40 -25.91
C ILE B 204 -38.54 4.06 -27.22
N LEU B 205 -38.92 3.24 -28.18
CA LEU B 205 -39.34 3.60 -29.51
C LEU B 205 -40.45 4.62 -29.54
N ALA B 206 -41.41 4.36 -28.71
CA ALA B 206 -42.60 5.24 -28.57
C ALA B 206 -42.21 6.61 -28.07
N LEU B 207 -41.52 6.70 -26.97
CA LEU B 207 -41.05 7.94 -26.32
C LEU B 207 -40.09 8.68 -27.28
N VAL B 208 -39.35 7.94 -28.06
CA VAL B 208 -38.41 8.62 -29.01
C VAL B 208 -39.19 9.36 -30.07
N LYS B 209 -40.33 8.76 -30.36
CA LYS B 209 -41.20 9.32 -31.42
C LYS B 209 -41.95 10.62 -31.14
N ASP B 210 -42.10 10.93 -29.88
CA ASP B 210 -42.72 12.12 -29.34
C ASP B 210 -41.74 13.19 -28.83
N ALA B 211 -40.49 12.88 -28.59
CA ALA B 211 -39.54 13.88 -28.10
C ALA B 211 -39.14 14.90 -29.15
N LYS B 212 -39.12 16.18 -28.80
CA LYS B 212 -38.76 17.20 -29.80
C LYS B 212 -37.27 17.56 -29.61
N ASN B 213 -36.83 17.35 -28.38
CA ASN B 213 -35.45 17.62 -27.99
C ASN B 213 -34.82 16.51 -27.16
N PRO B 214 -34.54 15.34 -27.73
CA PRO B 214 -33.87 14.24 -26.99
C PRO B 214 -32.38 14.41 -26.76
N VAL B 215 -31.78 13.83 -25.72
CA VAL B 215 -30.28 14.03 -25.56
C VAL B 215 -29.70 12.67 -25.20
N ILE B 216 -28.49 12.35 -25.62
CA ILE B 216 -27.87 11.06 -25.21
C ILE B 216 -26.76 11.42 -24.23
N LEU B 217 -26.62 10.82 -23.09
CA LEU B 217 -25.58 11.03 -22.08
C LEU B 217 -24.87 9.69 -21.87
N ALA B 218 -23.57 9.64 -21.97
CA ALA B 218 -22.80 8.38 -21.80
C ALA B 218 -21.96 8.50 -20.57
N ASP B 219 -22.05 7.57 -19.65
CA ASP B 219 -21.30 7.68 -18.36
C ASP B 219 -20.38 6.50 -18.28
N ALA B 220 -19.68 6.38 -17.20
CA ALA B 220 -18.68 5.37 -16.92
C ALA B 220 -18.79 4.00 -17.54
N CYS B 221 -19.94 3.41 -17.41
CA CYS B 221 -20.33 2.06 -17.81
C CYS B 221 -20.58 1.86 -19.29
N CYS B 222 -20.66 3.04 -19.95
CA CYS B 222 -20.84 3.01 -21.41
C CYS B 222 -19.50 2.42 -21.88
N SER B 223 -18.39 2.84 -21.27
CA SER B 223 -17.08 2.29 -21.65
C SER B 223 -16.80 0.90 -20.99
N ARG B 224 -16.97 0.92 -19.68
CA ARG B 224 -16.72 -0.21 -18.77
C ARG B 224 -17.43 -1.49 -19.18
N HIS B 225 -18.72 -1.29 -19.47
CA HIS B 225 -19.60 -2.38 -19.88
C HIS B 225 -19.82 -2.52 -21.39
N ASP B 226 -18.76 -2.41 -22.16
CA ASP B 226 -18.74 -2.57 -23.63
C ASP B 226 -19.88 -2.09 -24.51
N VAL B 227 -20.44 -0.91 -24.26
CA VAL B 227 -21.56 -0.43 -25.11
C VAL B 227 -21.14 0.70 -26.00
N LYS B 228 -19.87 0.96 -25.91
CA LYS B 228 -19.09 1.97 -26.65
C LYS B 228 -19.55 2.08 -28.09
N ALA B 229 -19.40 1.01 -28.86
CA ALA B 229 -19.72 0.94 -30.28
C ALA B 229 -21.18 1.14 -30.69
N GLU B 230 -22.06 0.65 -29.80
CA GLU B 230 -23.50 0.79 -30.01
C GLU B 230 -23.91 2.23 -29.75
N THR B 231 -23.36 2.92 -28.77
CA THR B 231 -23.72 4.30 -28.42
C THR B 231 -23.43 5.20 -29.64
N LYS B 232 -22.28 4.96 -30.25
CA LYS B 232 -21.80 5.68 -31.43
C LYS B 232 -22.78 5.65 -32.61
N LYS B 233 -23.17 4.42 -32.91
CA LYS B 233 -24.06 4.15 -34.03
C LYS B 233 -25.45 4.69 -33.62
N LEU B 234 -25.70 4.77 -32.32
CA LEU B 234 -26.98 5.31 -31.87
C LEU B 234 -26.97 6.79 -32.26
N ILE B 235 -25.82 7.44 -31.97
CA ILE B 235 -25.73 8.86 -32.32
C ILE B 235 -25.83 9.10 -33.80
N ASP B 236 -25.27 8.29 -34.67
CA ASP B 236 -25.31 8.45 -36.13
C ASP B 236 -26.67 8.29 -36.78
N LEU B 237 -27.43 7.38 -36.22
CA LEU B 237 -28.75 6.95 -36.64
C LEU B 237 -29.85 7.82 -36.09
N THR B 238 -29.59 8.57 -35.05
CA THR B 238 -30.62 9.45 -34.48
C THR B 238 -30.18 10.89 -34.72
N GLN B 239 -28.93 11.20 -34.63
CA GLN B 239 -28.45 12.59 -34.84
C GLN B 239 -28.90 13.47 -33.67
N PHE B 240 -29.09 12.80 -32.53
CA PHE B 240 -29.44 13.43 -31.28
C PHE B 240 -28.08 13.89 -30.69
N PRO B 241 -28.10 15.08 -30.06
CA PRO B 241 -26.91 15.58 -29.41
C PRO B 241 -26.36 14.53 -28.41
N ALA B 242 -25.08 14.41 -28.22
CA ALA B 242 -24.33 13.50 -27.37
C ALA B 242 -23.38 14.29 -26.46
N PHE B 243 -23.53 14.02 -25.18
CA PHE B 243 -22.78 14.65 -24.07
C PHE B 243 -22.15 13.55 -23.21
N VAL B 244 -20.97 13.79 -22.68
CA VAL B 244 -20.33 12.85 -21.79
C VAL B 244 -20.20 13.56 -20.43
N THR B 245 -19.96 12.69 -19.46
CA THR B 245 -19.67 13.10 -18.09
C THR B 245 -18.14 12.89 -18.00
N PRO B 246 -17.53 13.37 -16.93
CA PRO B 246 -16.14 13.15 -16.63
C PRO B 246 -15.64 11.74 -16.60
N MET B 247 -16.36 10.77 -16.03
CA MET B 247 -15.99 9.37 -15.90
C MET B 247 -16.02 8.63 -17.26
N GLY B 248 -16.96 9.05 -18.06
CA GLY B 248 -17.30 8.64 -19.37
C GLY B 248 -16.55 9.39 -20.48
N LYS B 249 -15.69 10.31 -20.23
CA LYS B 249 -14.96 11.06 -21.28
C LYS B 249 -14.11 10.04 -22.04
N GLY B 250 -14.27 10.12 -23.35
CA GLY B 250 -13.58 9.17 -24.23
C GLY B 250 -14.66 8.15 -24.66
N SER B 251 -15.81 8.12 -23.98
CA SER B 251 -16.88 7.20 -24.37
C SER B 251 -17.54 7.53 -25.70
N ILE B 252 -17.62 8.81 -26.04
CA ILE B 252 -18.16 9.30 -27.31
C ILE B 252 -16.93 9.86 -28.07
N SER B 253 -16.90 9.56 -29.36
CA SER B 253 -15.75 10.08 -30.21
C SER B 253 -16.15 11.55 -30.29
N GLU B 254 -15.28 12.41 -29.80
CA GLU B 254 -15.50 13.84 -29.68
C GLU B 254 -15.34 14.69 -30.92
N GLN B 255 -14.95 14.18 -32.06
CA GLN B 255 -14.85 15.06 -33.26
C GLN B 255 -16.08 14.92 -34.15
N HIS B 256 -17.04 14.23 -33.61
CA HIS B 256 -18.38 13.95 -34.14
C HIS B 256 -19.16 15.25 -34.13
N PRO B 257 -19.79 15.58 -35.23
CA PRO B 257 -20.58 16.80 -35.39
C PRO B 257 -21.77 16.94 -34.44
N ARG B 258 -22.25 15.93 -33.80
CA ARG B 258 -23.44 16.02 -32.93
C ARG B 258 -23.11 15.85 -31.43
N TYR B 259 -21.85 15.89 -31.12
CA TYR B 259 -21.25 15.79 -29.81
C TYR B 259 -21.24 17.18 -29.21
N GLY B 260 -21.88 17.41 -28.06
CA GLY B 260 -21.87 18.80 -27.57
C GLY B 260 -21.08 19.10 -26.32
N GLY B 261 -20.25 18.24 -25.77
CA GLY B 261 -19.49 18.58 -24.57
C GLY B 261 -19.53 17.65 -23.37
N VAL B 262 -19.00 18.15 -22.27
CA VAL B 262 -18.86 17.48 -20.97
C VAL B 262 -19.94 18.08 -20.06
N TYR B 263 -20.87 17.16 -19.67
CA TYR B 263 -21.92 17.67 -18.77
C TYR B 263 -21.38 17.30 -17.37
N VAL B 264 -21.45 18.34 -16.54
CA VAL B 264 -21.01 18.07 -15.12
C VAL B 264 -21.91 18.78 -14.11
N GLY B 265 -23.13 19.01 -14.53
CA GLY B 265 -24.24 19.65 -13.84
C GLY B 265 -24.23 21.18 -14.00
N THR B 266 -24.30 21.81 -12.82
CA THR B 266 -24.31 23.28 -12.79
C THR B 266 -22.96 23.90 -13.04
N LEU B 267 -21.95 23.07 -12.90
CA LEU B 267 -20.53 23.46 -13.08
C LEU B 267 -20.19 23.23 -14.56
N SER B 268 -21.23 23.04 -15.38
CA SER B 268 -20.89 22.77 -16.80
C SER B 268 -20.91 24.05 -17.64
N LYS B 269 -20.14 24.07 -18.71
CA LYS B 269 -20.14 25.21 -19.67
C LYS B 269 -21.65 25.50 -19.82
N PRO B 270 -22.04 26.72 -19.63
CA PRO B 270 -23.44 27.18 -19.67
C PRO B 270 -24.40 26.69 -20.71
N GLU B 271 -23.99 26.68 -21.95
CA GLU B 271 -24.84 26.17 -23.05
C GLU B 271 -24.99 24.66 -23.04
N VAL B 272 -24.14 23.97 -22.30
CA VAL B 272 -24.08 22.54 -22.02
C VAL B 272 -25.17 22.36 -20.96
N LYS B 273 -25.16 23.20 -19.92
CA LYS B 273 -26.26 23.06 -18.93
C LYS B 273 -27.58 23.10 -19.73
N GLU B 274 -27.83 24.20 -20.40
CA GLU B 274 -28.99 24.57 -21.23
C GLU B 274 -29.51 23.53 -22.22
N ALA B 275 -28.63 22.96 -23.00
CA ALA B 275 -28.92 21.92 -24.01
C ALA B 275 -29.39 20.65 -23.32
N VAL B 276 -28.72 20.26 -22.24
CA VAL B 276 -29.12 19.03 -21.52
C VAL B 276 -30.38 19.25 -20.72
N GLU B 277 -30.38 20.31 -19.93
CA GLU B 277 -31.50 20.67 -19.03
C GLU B 277 -32.80 20.81 -19.76
N SER B 278 -32.77 21.35 -20.94
CA SER B 278 -33.94 21.57 -21.80
C SER B 278 -34.41 20.34 -22.58
N ALA B 279 -33.71 19.22 -22.46
CA ALA B 279 -34.17 18.03 -23.19
C ALA B 279 -35.52 17.67 -22.51
N ASP B 280 -36.34 17.05 -23.35
CA ASP B 280 -37.64 16.53 -22.92
C ASP B 280 -37.53 15.01 -22.85
N LEU B 281 -36.35 14.48 -23.06
CA LEU B 281 -36.06 13.05 -23.07
C LEU B 281 -34.55 12.84 -22.91
N ILE B 282 -34.18 11.92 -22.06
CA ILE B 282 -32.74 11.67 -21.87
C ILE B 282 -32.49 10.17 -21.99
N LEU B 283 -31.55 9.83 -22.84
CA LEU B 283 -31.24 8.39 -22.97
C LEU B 283 -29.92 8.38 -22.19
N SER B 284 -29.92 7.87 -21.02
CA SER B 284 -28.68 7.85 -20.16
C SER B 284 -28.09 6.48 -20.36
N VAL B 285 -27.08 6.37 -21.20
CA VAL B 285 -26.31 5.18 -21.63
C VAL B 285 -25.13 5.38 -20.63
N GLY B 286 -25.66 5.53 -19.49
CA GLY B 286 -25.11 5.91 -18.22
C GLY B 286 -24.58 4.67 -17.51
N ALA B 287 -24.46 5.09 -16.28
CA ALA B 287 -23.81 4.18 -15.31
C ALA B 287 -24.09 4.71 -13.91
N LEU B 288 -23.17 4.31 -13.10
CA LEU B 288 -23.02 4.54 -11.67
C LEU B 288 -23.80 5.72 -11.14
N LEU B 289 -25.02 5.40 -10.78
CA LEU B 289 -26.05 6.32 -10.32
C LEU B 289 -25.78 7.33 -9.23
N SER B 290 -24.70 8.10 -9.37
CA SER B 290 -24.33 9.11 -8.38
C SER B 290 -25.10 10.40 -8.60
N ASP B 291 -26.43 10.29 -8.48
CA ASP B 291 -27.26 11.50 -8.70
C ASP B 291 -28.62 11.45 -8.05
N LYS B 302 -34.67 18.00 -19.01
CA LYS B 302 -34.63 17.25 -17.73
C LYS B 302 -35.81 16.27 -17.85
N THR B 303 -36.95 16.83 -17.40
CA THR B 303 -38.17 16.06 -17.40
C THR B 303 -37.95 14.76 -16.60
N LYS B 304 -39.10 14.17 -16.49
CA LYS B 304 -39.33 12.85 -15.84
C LYS B 304 -38.96 11.82 -16.90
N ASN B 305 -38.94 12.22 -18.16
CA ASN B 305 -38.60 11.40 -19.32
C ASN B 305 -37.14 10.97 -19.44
N ILE B 306 -36.67 10.12 -18.53
CA ILE B 306 -35.35 9.56 -18.50
C ILE B 306 -35.41 8.06 -18.84
N VAL B 307 -34.40 7.65 -19.61
CA VAL B 307 -34.28 6.21 -19.95
C VAL B 307 -32.90 5.87 -19.32
N GLU B 308 -32.92 5.02 -18.26
CA GLU B 308 -31.57 4.70 -17.75
C GLU B 308 -31.17 3.34 -18.35
N PHE B 309 -30.03 3.27 -19.06
CA PHE B 309 -29.61 1.96 -19.56
C PHE B 309 -28.58 1.40 -18.57
N HIS B 310 -28.74 0.19 -18.06
CA HIS B 310 -27.65 -0.22 -17.07
C HIS B 310 -27.16 -1.62 -17.37
N SER B 311 -25.97 -1.97 -16.93
CA SER B 311 -25.45 -3.35 -17.24
C SER B 311 -26.43 -4.48 -17.01
N ASP B 312 -27.27 -4.37 -16.02
CA ASP B 312 -28.22 -5.47 -15.71
C ASP B 312 -29.67 -5.04 -15.60
N HIS B 313 -29.97 -3.79 -15.84
CA HIS B 313 -31.37 -3.31 -15.69
C HIS B 313 -31.57 -2.01 -16.45
N MET B 314 -32.84 -1.71 -16.65
CA MET B 314 -33.29 -0.51 -17.36
C MET B 314 -34.31 0.12 -16.41
N LYS B 315 -34.45 1.42 -16.60
CA LYS B 315 -35.38 2.22 -15.80
C LYS B 315 -35.99 3.18 -16.82
N ILE B 316 -37.29 3.11 -16.98
CA ILE B 316 -37.98 4.01 -17.91
C ILE B 316 -38.88 4.81 -16.97
N ARG B 317 -38.51 6.10 -16.87
CA ARG B 317 -39.22 6.99 -15.95
C ARG B 317 -39.16 6.24 -14.61
N ASN B 318 -40.26 5.92 -13.97
CA ASN B 318 -40.22 5.26 -12.65
C ASN B 318 -40.18 3.74 -12.64
N ALA B 319 -40.45 3.13 -13.75
CA ALA B 319 -40.52 1.76 -14.06
C ALA B 319 -39.12 1.12 -14.23
N THR B 320 -38.83 0.19 -13.31
CA THR B 320 -37.55 -0.50 -13.38
C THR B 320 -37.92 -1.88 -13.94
N PHE B 321 -37.02 -2.39 -14.73
CA PHE B 321 -37.14 -3.72 -15.36
C PHE B 321 -35.88 -4.44 -14.91
N PRO B 322 -35.99 -5.20 -13.87
CA PRO B 322 -34.86 -5.98 -13.34
C PRO B 322 -34.49 -7.02 -14.38
N GLY B 323 -33.19 -7.19 -14.56
CA GLY B 323 -32.58 -8.15 -15.46
C GLY B 323 -32.48 -7.96 -16.95
N VAL B 324 -32.81 -6.76 -17.37
CA VAL B 324 -32.79 -6.30 -18.75
C VAL B 324 -31.47 -5.53 -18.98
N GLN B 325 -30.54 -6.20 -19.64
CA GLN B 325 -29.21 -5.79 -19.98
C GLN B 325 -29.15 -4.90 -21.21
N MET B 326 -28.57 -3.70 -20.95
CA MET B 326 -28.50 -2.67 -22.00
C MET B 326 -27.83 -3.08 -23.28
N LYS B 327 -26.93 -4.04 -23.12
CA LYS B 327 -26.22 -4.47 -24.37
C LYS B 327 -27.13 -4.88 -25.49
N PHE B 328 -28.10 -5.74 -25.24
CA PHE B 328 -29.03 -6.26 -26.25
C PHE B 328 -30.15 -5.26 -26.49
N VAL B 329 -30.48 -4.44 -25.48
CA VAL B 329 -31.52 -3.45 -25.77
C VAL B 329 -30.89 -2.57 -26.91
N LEU B 330 -29.72 -2.06 -26.65
CA LEU B 330 -29.03 -1.18 -27.62
C LEU B 330 -28.92 -1.82 -29.02
N GLN B 331 -28.27 -3.01 -29.04
CA GLN B 331 -28.14 -3.66 -30.38
C GLN B 331 -29.43 -3.70 -31.17
N LYS B 332 -30.47 -4.08 -30.52
CA LYS B 332 -31.85 -4.26 -31.05
C LYS B 332 -32.52 -2.97 -31.42
N LEU B 333 -32.22 -1.92 -30.66
CA LEU B 333 -32.70 -0.55 -30.94
C LEU B 333 -32.11 0.00 -32.25
N LEU B 334 -30.89 -0.34 -32.57
CA LEU B 334 -30.21 0.10 -33.79
C LEU B 334 -30.89 -0.44 -35.06
N THR B 335 -31.57 -1.56 -34.97
CA THR B 335 -32.29 -2.15 -36.10
C THR B 335 -33.60 -1.36 -36.33
N ASN B 336 -34.05 -0.59 -35.34
CA ASN B 336 -35.30 0.16 -35.51
C ASN B 336 -35.39 1.66 -35.23
N ILE B 337 -34.42 2.19 -34.50
CA ILE B 337 -34.40 3.55 -34.05
C ILE B 337 -34.46 4.71 -35.00
N ALA B 338 -33.74 4.63 -36.10
CA ALA B 338 -33.71 5.70 -37.12
C ALA B 338 -35.13 5.94 -37.67
N ASP B 339 -35.88 4.85 -37.75
CA ASP B 339 -37.28 4.92 -38.27
C ASP B 339 -38.15 5.72 -37.30
N ALA B 340 -38.10 5.33 -36.01
CA ALA B 340 -38.82 5.96 -34.94
C ALA B 340 -38.40 7.44 -34.88
N ALA B 341 -37.21 7.79 -35.34
CA ALA B 341 -36.74 9.17 -35.33
C ALA B 341 -36.89 9.88 -36.68
N LYS B 342 -37.28 9.25 -37.78
CA LYS B 342 -37.41 9.93 -39.07
C LYS B 342 -38.51 10.98 -38.90
N GLY B 343 -38.08 12.14 -38.47
CA GLY B 343 -38.96 13.28 -38.18
C GLY B 343 -38.34 14.17 -37.07
N TYR B 344 -37.06 13.83 -36.80
CA TYR B 344 -36.44 14.63 -35.73
C TYR B 344 -35.67 15.72 -36.51
N LYS B 345 -35.95 16.93 -36.06
CA LYS B 345 -35.24 18.06 -36.69
C LYS B 345 -34.15 18.39 -35.64
N PRO B 346 -32.91 18.19 -36.08
CA PRO B 346 -31.73 18.47 -35.26
C PRO B 346 -31.47 19.87 -34.70
N VAL B 347 -31.43 19.88 -33.40
CA VAL B 347 -31.13 21.07 -32.58
C VAL B 347 -29.61 21.33 -32.68
N ALA B 348 -29.23 22.59 -32.59
CA ALA B 348 -27.85 23.04 -32.63
C ALA B 348 -27.21 22.61 -31.27
N VAL B 349 -26.12 21.91 -31.47
CA VAL B 349 -25.21 21.36 -30.45
C VAL B 349 -24.38 22.53 -30.00
N PRO B 350 -24.01 22.56 -28.73
CA PRO B 350 -23.19 23.65 -28.17
C PRO B 350 -21.83 23.61 -28.86
N ALA B 351 -21.33 24.84 -29.06
CA ALA B 351 -20.05 25.12 -29.67
C ALA B 351 -18.81 24.59 -28.94
N ARG B 352 -17.85 24.14 -29.75
CA ARG B 352 -16.56 23.72 -29.13
C ARG B 352 -15.93 25.08 -28.70
N THR B 353 -15.14 25.08 -27.67
CA THR B 353 -14.40 26.22 -27.13
C THR B 353 -13.33 26.51 -28.17
N PRO B 354 -13.13 27.78 -28.46
CA PRO B 354 -12.13 28.15 -29.48
C PRO B 354 -10.72 28.00 -29.02
N ALA B 355 -9.87 27.72 -29.96
CA ALA B 355 -8.41 27.53 -29.85
C ALA B 355 -7.85 28.75 -29.17
N ASN B 356 -6.70 28.66 -28.51
CA ASN B 356 -6.12 29.79 -27.79
C ASN B 356 -5.61 30.76 -28.88
N ALA B 357 -5.71 32.01 -28.50
CA ALA B 357 -5.21 33.13 -29.35
C ALA B 357 -3.69 33.09 -29.23
N ALA B 358 -2.96 33.29 -30.31
CA ALA B 358 -1.50 33.25 -30.33
C ALA B 358 -0.95 34.26 -29.33
N VAL B 359 0.07 33.81 -28.62
CA VAL B 359 0.69 34.72 -27.61
C VAL B 359 2.17 34.60 -27.88
N PRO B 360 2.95 35.57 -27.41
CA PRO B 360 4.40 35.55 -27.60
C PRO B 360 4.91 34.29 -26.85
N ALA B 361 5.92 33.68 -27.45
CA ALA B 361 6.61 32.49 -27.07
C ALA B 361 6.94 32.39 -25.59
N SER B 362 7.28 33.49 -25.02
CA SER B 362 7.71 33.78 -23.69
C SER B 362 6.67 33.86 -22.60
N THR B 363 5.41 33.67 -22.87
CA THR B 363 4.35 33.66 -21.89
C THR B 363 4.44 32.39 -21.03
N PRO B 364 4.44 32.63 -19.72
CA PRO B 364 4.45 31.54 -18.73
C PRO B 364 3.27 30.61 -18.99
N LEU B 365 3.52 29.31 -18.70
CA LEU B 365 2.39 28.38 -18.90
C LEU B 365 1.36 28.61 -17.78
N LYS B 366 0.12 28.44 -18.21
CA LYS B 366 -1.05 28.50 -17.34
C LYS B 366 -1.85 27.24 -17.66
N GLN B 367 -2.45 26.63 -16.64
CA GLN B 367 -3.26 25.40 -16.83
C GLN B 367 -4.38 25.48 -17.85
N GLU B 368 -5.05 26.61 -17.78
CA GLU B 368 -6.17 26.99 -18.65
C GLU B 368 -5.75 27.06 -20.11
N TRP B 369 -4.60 27.62 -20.41
CA TRP B 369 -4.13 27.71 -21.80
C TRP B 369 -3.71 26.28 -22.15
N MET B 370 -3.12 25.63 -21.16
CA MET B 370 -2.63 24.23 -21.37
C MET B 370 -3.59 23.14 -21.77
N TRP B 371 -4.69 22.95 -21.11
CA TRP B 371 -5.63 21.83 -21.42
C TRP B 371 -6.32 22.03 -22.73
N ASN B 372 -6.50 23.26 -23.11
CA ASN B 372 -7.12 23.69 -24.39
C ASN B 372 -6.18 23.26 -25.52
N GLN B 373 -4.93 23.68 -25.44
CA GLN B 373 -3.84 23.36 -26.36
C GLN B 373 -3.41 21.92 -26.52
N LEU B 374 -3.62 21.05 -25.59
CA LEU B 374 -3.26 19.61 -25.55
C LEU B 374 -3.98 18.89 -26.66
N GLY B 375 -5.22 19.35 -26.86
CA GLY B 375 -6.11 18.83 -27.90
C GLY B 375 -5.32 18.72 -29.21
N ASN B 376 -4.36 19.59 -29.45
CA ASN B 376 -3.50 19.62 -30.64
C ASN B 376 -2.35 18.63 -30.67
N PHE B 377 -1.81 18.15 -29.58
CA PHE B 377 -0.72 17.16 -29.64
C PHE B 377 -1.34 15.75 -29.69
N LEU B 378 -2.54 15.63 -29.14
CA LEU B 378 -3.36 14.48 -28.99
C LEU B 378 -3.73 13.90 -30.33
N GLN B 379 -3.64 12.58 -30.40
CA GLN B 379 -3.91 11.83 -31.63
C GLN B 379 -4.80 10.63 -31.29
N GLU B 380 -5.36 10.13 -32.35
CA GLU B 380 -6.28 9.01 -32.42
C GLU B 380 -5.63 7.68 -31.98
N GLY B 381 -6.34 7.03 -31.08
CA GLY B 381 -5.99 5.80 -30.46
C GLY B 381 -5.07 6.02 -29.27
N ASP B 382 -4.92 7.24 -28.80
CA ASP B 382 -4.03 7.48 -27.64
C ASP B 382 -4.76 7.02 -26.35
N VAL B 383 -3.98 6.82 -25.35
CA VAL B 383 -4.37 6.46 -23.99
C VAL B 383 -4.06 7.65 -23.11
N VAL B 384 -5.14 8.26 -22.64
CA VAL B 384 -4.84 9.48 -21.77
C VAL B 384 -5.20 9.17 -20.33
N ILE B 385 -4.26 9.37 -19.47
CA ILE B 385 -4.39 9.13 -18.01
C ILE B 385 -4.17 10.47 -17.35
N ALA B 386 -5.11 10.87 -16.52
CA ALA B 386 -5.02 12.14 -15.78
C ALA B 386 -5.29 11.88 -14.28
N GLU B 387 -4.31 12.21 -13.46
CA GLU B 387 -4.48 11.99 -12.01
C GLU B 387 -5.33 12.95 -11.18
N THR B 388 -5.93 12.46 -10.11
CA THR B 388 -6.72 13.30 -9.17
C THR B 388 -5.80 14.42 -8.69
N GLY B 389 -6.26 15.61 -8.87
CA GLY B 389 -5.69 16.94 -8.57
C GLY B 389 -6.24 17.83 -9.69
N THR B 390 -5.46 18.82 -10.13
CA THR B 390 -5.84 19.76 -11.18
C THR B 390 -5.97 19.07 -12.54
N SER B 391 -5.16 18.12 -12.85
CA SER B 391 -5.14 17.27 -14.03
C SER B 391 -6.47 16.56 -14.30
N ALA B 392 -7.11 15.95 -13.31
CA ALA B 392 -8.41 15.28 -13.59
C ALA B 392 -9.49 16.33 -13.93
N PHE B 393 -9.27 17.53 -13.44
CA PHE B 393 -10.17 18.70 -13.67
C PHE B 393 -9.91 19.24 -15.06
N GLY B 394 -8.71 19.67 -15.33
CA GLY B 394 -8.31 20.21 -16.65
C GLY B 394 -8.59 19.29 -17.80
N ILE B 395 -8.41 17.98 -17.67
CA ILE B 395 -8.65 17.05 -18.78
C ILE B 395 -10.01 17.19 -19.42
N ASN B 396 -11.03 17.51 -18.66
CA ASN B 396 -12.43 17.70 -19.10
C ASN B 396 -12.58 18.90 -20.07
N GLN B 397 -11.63 19.78 -20.11
CA GLN B 397 -11.61 20.97 -20.99
C GLN B 397 -10.82 20.67 -22.24
N THR B 398 -10.30 19.43 -22.40
CA THR B 398 -9.54 19.06 -23.57
C THR B 398 -10.42 18.38 -24.64
N THR B 399 -10.26 18.77 -25.92
CA THR B 399 -11.02 18.09 -26.95
C THR B 399 -10.16 16.93 -27.47
N PHE B 400 -10.74 15.77 -27.35
CA PHE B 400 -10.06 14.50 -27.78
C PHE B 400 -10.45 14.17 -29.25
N PRO B 401 -9.49 13.56 -29.93
CA PRO B 401 -9.64 13.06 -31.29
C PRO B 401 -10.60 11.88 -31.05
N ASN B 402 -11.05 11.28 -32.09
CA ASN B 402 -11.94 10.12 -32.08
C ASN B 402 -11.13 8.92 -31.56
N ASN B 403 -11.76 7.96 -30.94
CA ASN B 403 -11.06 6.75 -30.52
C ASN B 403 -9.90 7.02 -29.60
N THR B 404 -10.16 7.84 -28.58
CA THR B 404 -9.18 8.19 -27.57
C THR B 404 -9.60 7.43 -26.32
N TYR B 405 -8.70 6.77 -25.62
CA TYR B 405 -9.13 6.09 -24.39
C TYR B 405 -8.71 6.96 -23.19
N GLY B 406 -9.65 7.41 -22.38
CA GLY B 406 -9.27 8.22 -21.19
C GLY B 406 -9.51 7.39 -19.93
N ILE B 407 -8.65 7.64 -18.92
CA ILE B 407 -8.69 6.97 -17.63
C ILE B 407 -8.64 8.10 -16.63
N SER B 408 -9.64 8.18 -15.79
CA SER B 408 -9.71 9.17 -14.73
C SER B 408 -10.55 8.52 -13.61
N GLN B 409 -9.87 8.32 -12.50
CA GLN B 409 -10.52 7.69 -11.31
C GLN B 409 -11.44 8.65 -10.61
N VAL B 410 -12.43 9.23 -11.32
CA VAL B 410 -13.31 10.23 -10.66
C VAL B 410 -14.00 9.89 -9.34
N LEU B 411 -14.42 8.68 -9.14
CA LEU B 411 -15.15 8.19 -7.99
C LEU B 411 -14.23 7.74 -6.84
N TRP B 412 -13.26 6.88 -7.08
CA TRP B 412 -12.40 6.44 -5.96
C TRP B 412 -11.36 7.48 -5.53
N GLY B 413 -10.79 8.19 -6.54
CA GLY B 413 -9.84 9.26 -6.28
C GLY B 413 -8.65 8.92 -5.38
N SER B 414 -7.91 7.86 -5.59
CA SER B 414 -6.73 7.54 -4.79
C SER B 414 -5.49 8.13 -5.56
N ILE B 415 -4.92 9.12 -4.94
CA ILE B 415 -3.78 9.82 -5.62
C ILE B 415 -2.61 8.82 -5.61
N GLY B 416 -1.97 8.76 -6.75
CA GLY B 416 -0.91 7.73 -6.82
C GLY B 416 -1.37 6.67 -7.84
N PHE B 417 -2.64 6.42 -7.91
CA PHE B 417 -3.20 5.41 -8.88
C PHE B 417 -2.60 5.34 -10.25
N THR B 418 -2.47 6.47 -10.97
CA THR B 418 -2.03 6.71 -12.31
C THR B 418 -0.67 6.18 -12.71
N THR B 419 0.30 6.29 -11.84
CA THR B 419 1.66 5.75 -12.11
C THR B 419 1.53 4.24 -12.35
N GLY B 420 0.83 3.52 -11.41
CA GLY B 420 0.69 2.07 -11.60
C GLY B 420 -0.15 1.84 -12.84
N ALA B 421 -1.32 2.43 -13.01
CA ALA B 421 -2.16 2.24 -14.20
C ALA B 421 -1.55 2.49 -15.58
N THR B 422 -0.64 3.39 -15.73
CA THR B 422 0.18 3.80 -16.82
C THR B 422 1.03 2.56 -17.18
N LEU B 423 1.45 1.85 -16.15
CA LEU B 423 2.33 0.67 -16.38
C LEU B 423 1.51 -0.38 -17.09
N GLY B 424 0.35 -0.61 -16.50
CA GLY B 424 -0.65 -1.56 -17.01
C GLY B 424 -1.24 -1.23 -18.31
N ALA B 425 -1.67 0.03 -18.49
CA ALA B 425 -2.29 0.49 -19.76
C ALA B 425 -1.33 0.31 -20.92
N ALA B 426 -0.08 0.49 -20.63
CA ALA B 426 1.05 0.42 -21.55
C ALA B 426 1.33 -1.02 -21.94
N PHE B 427 1.15 -1.98 -21.07
CA PHE B 427 1.40 -3.39 -21.37
C PHE B 427 0.24 -3.81 -22.28
N ALA B 428 -0.92 -3.32 -21.92
CA ALA B 428 -2.16 -3.61 -22.68
C ALA B 428 -2.00 -2.87 -24.00
N ALA B 429 -1.65 -1.59 -23.93
CA ALA B 429 -1.48 -0.84 -25.25
C ALA B 429 -0.48 -1.49 -26.17
N GLU B 430 0.60 -2.03 -25.70
CA GLU B 430 1.60 -2.70 -26.53
C GLU B 430 1.02 -3.98 -27.11
N GLU B 431 0.11 -4.66 -26.42
CA GLU B 431 -0.52 -5.90 -26.93
C GLU B 431 -1.54 -5.67 -28.02
N ILE B 432 -2.18 -4.51 -28.00
CA ILE B 432 -3.15 -4.07 -28.98
C ILE B 432 -2.30 -3.53 -30.18
N ASP B 433 -1.38 -2.60 -29.99
CA ASP B 433 -0.59 -2.06 -31.08
C ASP B 433 0.65 -1.32 -30.53
N PRO B 434 1.83 -1.70 -30.91
CA PRO B 434 3.07 -1.03 -30.50
C PRO B 434 3.10 0.46 -30.79
N LYS B 435 2.34 0.98 -31.73
CA LYS B 435 2.32 2.43 -32.00
C LYS B 435 1.28 3.23 -31.23
N LYS B 436 0.56 2.59 -30.30
CA LYS B 436 -0.46 3.27 -29.48
C LYS B 436 0.31 3.96 -28.38
N ARG B 437 0.12 5.26 -28.26
CA ARG B 437 0.76 6.14 -27.31
C ARG B 437 -0.04 6.15 -25.99
N VAL B 438 0.74 6.29 -24.91
CA VAL B 438 0.12 6.34 -23.57
C VAL B 438 0.68 7.59 -22.89
N ILE B 439 -0.25 8.51 -22.62
CA ILE B 439 0.01 9.82 -22.06
C ILE B 439 -0.54 10.02 -20.65
N LEU B 440 0.38 10.47 -19.81
CA LEU B 440 0.01 10.62 -18.38
C LEU B 440 0.22 11.98 -17.81
N PHE B 441 -0.81 12.52 -17.19
CA PHE B 441 -0.72 13.82 -16.50
C PHE B 441 -0.86 13.45 -14.98
N ILE B 442 0.26 13.61 -14.28
CA ILE B 442 0.22 13.36 -12.84
C ILE B 442 0.79 14.57 -12.13
N GLY B 443 0.23 15.00 -11.03
CA GLY B 443 0.71 16.07 -10.19
C GLY B 443 1.98 15.62 -9.48
N ASP B 444 2.80 16.54 -9.02
CA ASP B 444 4.05 16.22 -8.28
C ASP B 444 3.71 15.59 -6.93
N GLY B 445 2.61 15.95 -6.31
CA GLY B 445 2.20 15.40 -5.00
C GLY B 445 1.96 13.89 -5.06
N SER B 446 1.21 13.38 -5.97
CA SER B 446 0.76 12.09 -6.36
C SER B 446 1.84 11.14 -6.86
N LEU B 447 2.78 11.63 -7.54
CA LEU B 447 3.90 10.87 -8.13
C LEU B 447 4.68 10.19 -7.03
N GLN B 448 4.79 10.88 -5.94
CA GLN B 448 5.51 10.54 -4.72
C GLN B 448 5.07 9.20 -4.11
N LEU B 449 3.80 8.99 -4.17
CA LEU B 449 3.10 7.82 -3.66
C LEU B 449 3.39 6.58 -4.50
N THR B 450 3.59 6.75 -5.80
CA THR B 450 3.81 5.50 -6.61
C THR B 450 5.00 5.59 -7.53
N VAL B 451 5.87 6.54 -7.23
CA VAL B 451 7.10 6.75 -8.01
C VAL B 451 7.83 5.50 -8.45
N GLN B 452 8.15 4.55 -7.61
CA GLN B 452 8.90 3.34 -7.98
C GLN B 452 8.36 2.55 -9.19
N GLU B 453 7.12 2.73 -9.55
CA GLU B 453 6.59 2.03 -10.70
C GLU B 453 7.24 2.42 -12.01
N ILE B 454 7.85 3.58 -12.12
CA ILE B 454 8.60 4.04 -13.30
C ILE B 454 9.63 2.95 -13.51
N SER B 455 10.24 2.47 -12.40
CA SER B 455 11.25 1.36 -12.57
C SER B 455 10.78 0.25 -13.53
N THR B 456 9.61 -0.33 -13.30
CA THR B 456 9.02 -1.45 -14.04
C THR B 456 8.82 -1.24 -15.55
N MET B 457 8.47 -0.06 -15.90
CA MET B 457 8.25 0.58 -17.18
C MET B 457 9.64 0.48 -17.87
N ILE B 458 10.68 0.97 -17.19
CA ILE B 458 12.03 0.92 -17.68
C ILE B 458 12.44 -0.53 -17.86
N ARG B 459 12.19 -1.42 -16.95
CA ARG B 459 12.51 -2.86 -17.04
C ARG B 459 11.99 -3.45 -18.36
N TRP B 460 10.72 -3.21 -18.66
CA TRP B 460 10.10 -3.70 -19.89
C TRP B 460 10.31 -2.84 -21.15
N GLY B 461 10.99 -1.72 -21.00
CA GLY B 461 11.24 -0.92 -22.26
C GLY B 461 9.90 -0.44 -22.77
N LEU B 462 9.04 0.08 -21.94
CA LEU B 462 7.73 0.59 -22.32
C LEU B 462 8.02 2.09 -22.54
N LYS B 463 7.25 2.71 -23.40
CA LYS B 463 7.45 4.09 -23.78
C LYS B 463 6.38 5.15 -23.58
N PRO B 464 5.84 5.25 -22.38
CA PRO B 464 4.80 6.28 -22.08
C PRO B 464 5.33 7.70 -21.99
N TYR B 465 4.41 8.69 -22.11
CA TYR B 465 4.77 10.06 -21.90
C TYR B 465 4.34 10.38 -20.47
N LEU B 466 5.30 10.67 -19.62
CA LEU B 466 5.05 11.06 -18.20
C LEU B 466 5.12 12.57 -18.08
N PHE B 467 3.97 13.24 -17.96
CA PHE B 467 3.88 14.69 -17.76
C PHE B 467 3.74 14.90 -16.24
N VAL B 468 4.54 15.74 -15.58
CA VAL B 468 4.48 15.95 -14.15
C VAL B 468 4.14 17.43 -13.94
N LEU B 469 3.01 17.72 -13.31
CA LEU B 469 2.66 19.14 -13.13
C LEU B 469 3.39 19.63 -11.88
N ASN B 470 4.40 20.43 -12.10
CA ASN B 470 5.17 20.92 -10.96
C ASN B 470 4.54 22.27 -10.57
N ASN B 471 3.91 22.20 -9.39
CA ASN B 471 3.25 23.47 -8.92
C ASN B 471 3.49 23.64 -7.43
N ASP B 472 4.49 22.96 -6.97
CA ASP B 472 5.00 22.92 -5.61
C ASP B 472 4.15 22.49 -4.47
N GLY B 473 3.35 21.43 -4.62
CA GLY B 473 2.55 20.95 -3.46
C GLY B 473 1.23 20.44 -3.94
N TYR B 474 0.28 20.37 -3.07
CA TYR B 474 -1.09 19.89 -3.31
C TYR B 474 -2.02 21.06 -3.58
N THR B 475 -1.98 21.58 -4.79
CA THR B 475 -2.78 22.74 -5.14
C THR B 475 -4.26 22.48 -5.16
N ILE B 476 -4.81 21.35 -5.40
CA ILE B 476 -6.25 21.10 -5.35
C ILE B 476 -6.65 21.27 -3.88
N GLU B 477 -5.83 20.67 -3.03
CA GLU B 477 -6.10 20.73 -1.59
C GLU B 477 -6.03 22.07 -0.87
N LYS B 478 -5.13 22.83 -1.40
CA LYS B 478 -4.78 24.19 -0.94
C LYS B 478 -5.91 25.16 -1.27
N LEU B 479 -6.55 24.87 -2.37
CA LEU B 479 -7.63 25.65 -2.97
C LEU B 479 -8.95 25.42 -2.29
N ILE B 480 -8.99 24.44 -1.41
CA ILE B 480 -10.07 24.02 -0.60
C ILE B 480 -9.79 24.37 0.87
N HIS B 481 -8.57 24.02 1.30
CA HIS B 481 -8.29 24.34 2.73
C HIS B 481 -6.82 24.44 3.03
N GLY B 482 -6.51 25.55 3.67
CA GLY B 482 -5.15 25.85 4.14
C GLY B 482 -4.11 26.00 3.03
N PRO B 483 -4.15 27.16 2.37
CA PRO B 483 -3.23 27.47 1.28
C PRO B 483 -1.75 27.39 1.61
N LYS B 484 -1.39 27.69 2.85
CA LYS B 484 0.03 27.65 3.21
C LYS B 484 0.30 26.79 4.45
N ALA B 485 -0.56 25.81 4.66
CA ALA B 485 -0.53 24.84 5.71
C ALA B 485 0.60 23.90 5.26
N GLN B 486 1.42 23.51 6.14
CA GLN B 486 2.57 22.66 6.06
C GLN B 486 2.20 21.27 5.50
N TYR B 487 1.01 20.78 5.73
CA TYR B 487 0.53 19.49 5.27
C TYR B 487 0.20 19.55 3.77
N ASN B 488 0.08 20.73 3.19
CA ASN B 488 -0.24 20.94 1.77
C ASN B 488 1.03 21.02 0.95
N GLU B 489 2.18 21.00 1.59
CA GLU B 489 3.49 21.09 0.98
C GLU B 489 4.23 19.76 0.95
N ILE B 490 5.11 19.60 -0.01
CA ILE B 490 5.91 18.46 -0.25
C ILE B 490 7.40 18.80 -0.22
N GLN B 491 8.12 17.68 0.00
CA GLN B 491 9.58 17.72 -0.08
C GLN B 491 9.69 17.80 -1.66
N GLY B 492 10.47 18.73 -2.10
CA GLY B 492 10.84 19.08 -3.45
C GLY B 492 11.95 18.18 -4.00
N TRP B 493 11.52 17.33 -4.95
CA TRP B 493 12.36 16.39 -5.63
C TRP B 493 12.83 16.93 -7.00
N ASP B 494 13.90 16.31 -7.46
CA ASP B 494 14.48 16.54 -8.76
C ASP B 494 14.00 15.45 -9.75
N HIS B 495 12.85 15.64 -10.30
CA HIS B 495 12.10 14.82 -11.19
C HIS B 495 12.83 14.40 -12.46
N LEU B 496 13.58 15.28 -13.06
CA LEU B 496 14.33 14.90 -14.29
C LEU B 496 15.42 13.90 -13.96
N SER B 497 15.61 13.49 -12.70
CA SER B 497 16.66 12.47 -12.40
C SER B 497 16.08 11.08 -12.19
N LEU B 498 14.79 10.94 -12.11
CA LEU B 498 14.11 9.65 -11.85
C LEU B 498 14.45 8.60 -12.86
N LEU B 499 14.23 8.90 -14.12
CA LEU B 499 14.62 7.94 -15.20
C LEU B 499 15.99 7.35 -14.98
N PRO B 500 17.03 8.17 -14.90
CA PRO B 500 18.41 7.68 -14.71
C PRO B 500 18.57 6.96 -13.38
N THR B 501 18.00 7.53 -12.28
CA THR B 501 18.08 6.82 -10.98
C THR B 501 17.54 5.39 -10.93
N PHE B 502 16.51 5.14 -11.69
CA PHE B 502 15.82 3.84 -11.84
C PHE B 502 16.48 3.01 -12.91
N GLY B 503 17.56 3.58 -13.44
CA GLY B 503 18.36 2.93 -14.45
C GLY B 503 18.04 3.04 -15.91
N ALA B 504 17.30 4.04 -16.31
CA ALA B 504 16.95 4.20 -17.74
C ALA B 504 18.24 4.55 -18.45
N LYS B 505 18.44 3.89 -19.53
CA LYS B 505 19.50 3.84 -20.53
C LYS B 505 19.07 4.73 -21.66
N ASP B 506 17.88 4.56 -22.18
CA ASP B 506 17.38 5.38 -23.35
C ASP B 506 16.08 6.03 -22.96
N TYR B 507 16.12 7.34 -22.87
CA TYR B 507 14.95 8.12 -22.48
C TYR B 507 15.19 9.59 -22.85
N GLU B 508 14.15 10.38 -22.51
CA GLU B 508 14.27 11.80 -22.72
C GLU B 508 13.61 12.55 -21.55
N THR B 509 14.21 13.65 -21.19
CA THR B 509 13.59 14.47 -20.13
C THR B 509 13.45 15.87 -20.74
N HIS B 510 12.46 16.62 -20.30
CA HIS B 510 12.22 17.97 -20.78
C HIS B 510 11.41 18.66 -19.68
N ARG B 511 11.58 19.96 -19.74
CA ARG B 511 10.95 20.87 -18.78
C ARG B 511 10.37 21.98 -19.67
N VAL B 512 9.17 22.34 -19.33
CA VAL B 512 8.52 23.40 -20.15
C VAL B 512 7.96 24.35 -19.13
N ALA B 513 8.15 25.64 -19.39
CA ALA B 513 7.65 26.69 -18.51
C ALA B 513 6.92 27.75 -19.30
N THR B 514 7.05 27.81 -20.61
CA THR B 514 6.33 28.85 -21.40
C THR B 514 5.46 28.17 -22.45
N THR B 515 4.60 28.92 -23.08
CA THR B 515 3.71 28.58 -24.16
C THR B 515 4.60 28.15 -25.34
N GLY B 516 5.63 28.96 -25.59
CA GLY B 516 6.58 28.71 -26.65
C GLY B 516 7.26 27.35 -26.42
N GLU B 517 7.67 27.03 -25.20
CA GLU B 517 8.33 25.69 -25.01
C GLU B 517 7.43 24.50 -25.19
N TRP B 518 6.22 24.65 -24.69
CA TRP B 518 5.12 23.70 -24.80
C TRP B 518 5.03 23.32 -26.28
N ASP B 519 4.83 24.33 -27.09
CA ASP B 519 4.63 24.16 -28.55
C ASP B 519 5.72 23.57 -29.42
N LYS B 520 6.91 24.06 -29.13
CA LYS B 520 8.09 23.58 -29.89
C LYS B 520 8.28 22.11 -29.63
N LEU B 521 8.01 21.70 -28.39
CA LEU B 521 8.14 20.28 -28.01
C LEU B 521 7.04 19.45 -28.63
N THR B 522 5.81 19.85 -28.35
CA THR B 522 4.60 19.15 -28.81
C THR B 522 4.31 19.06 -30.29
N GLN B 523 4.92 19.92 -31.07
CA GLN B 523 4.75 19.97 -32.52
C GLN B 523 5.88 19.20 -33.19
N ASP B 524 6.95 18.97 -32.46
CA ASP B 524 8.11 18.22 -32.90
C ASP B 524 7.69 16.77 -33.21
N LYS B 525 7.91 16.44 -34.48
CA LYS B 525 7.68 15.21 -35.18
C LYS B 525 8.34 13.98 -34.56
N SER B 526 9.53 14.15 -34.00
CA SER B 526 10.18 12.96 -33.43
C SER B 526 9.70 12.73 -31.99
N PHE B 527 9.11 13.71 -31.40
CA PHE B 527 8.58 13.75 -30.06
C PHE B 527 7.22 13.07 -30.07
N ASN B 528 6.45 13.17 -31.10
CA ASN B 528 5.14 12.58 -31.28
C ASN B 528 5.12 11.09 -31.53
N ASP B 529 6.27 10.52 -31.74
CA ASP B 529 6.53 9.11 -31.95
C ASP B 529 7.03 8.51 -30.63
N ASN B 530 6.35 7.48 -30.16
CA ASN B 530 6.64 6.78 -28.92
C ASN B 530 7.92 5.94 -29.08
N SER B 531 9.00 6.62 -29.36
CA SER B 531 10.31 5.96 -29.61
C SER B 531 11.07 5.58 -28.36
N LYS B 532 10.91 6.37 -27.30
CA LYS B 532 11.58 6.05 -26.03
C LYS B 532 10.71 6.55 -24.90
N ILE B 533 11.08 6.22 -23.68
CA ILE B 533 10.32 6.65 -22.49
C ILE B 533 10.68 8.11 -22.27
N ARG B 534 9.76 9.00 -21.99
CA ARG B 534 10.13 10.43 -21.74
C ARG B 534 9.51 11.04 -20.51
N MET B 535 10.10 12.01 -19.86
CA MET B 535 9.49 12.62 -18.67
C MET B 535 9.53 14.10 -19.06
N ILE B 536 8.44 14.77 -18.85
CA ILE B 536 8.26 16.18 -19.16
C ILE B 536 7.80 16.92 -17.89
N GLU B 537 8.62 17.70 -17.26
CA GLU B 537 8.20 18.47 -16.06
C GLU B 537 7.58 19.73 -16.63
N ILE B 538 6.42 20.06 -16.16
CA ILE B 538 5.61 21.22 -16.50
C ILE B 538 5.81 22.17 -15.33
N MET B 539 6.17 23.39 -15.70
CA MET B 539 6.45 24.40 -14.65
C MET B 539 5.24 25.31 -14.50
N LEU B 540 4.50 25.17 -13.41
CA LEU B 540 3.25 25.89 -13.14
C LEU B 540 3.24 26.58 -11.80
N PRO B 541 2.51 27.69 -11.69
CA PRO B 541 2.45 28.47 -10.44
C PRO B 541 1.55 27.77 -9.42
N VAL B 542 1.89 27.88 -8.14
CA VAL B 542 1.22 27.30 -7.00
C VAL B 542 -0.27 27.32 -7.03
N PHE B 543 -0.94 28.45 -7.08
CA PHE B 543 -2.38 28.62 -7.04
C PHE B 543 -3.13 28.57 -8.35
N ASP B 544 -2.45 28.16 -9.40
CA ASP B 544 -3.13 28.03 -10.71
C ASP B 544 -3.82 26.68 -10.87
N ALA B 545 -5.06 26.70 -11.36
CA ALA B 545 -5.91 25.51 -11.59
C ALA B 545 -6.89 25.80 -12.72
N PRO B 546 -7.44 24.79 -13.31
CA PRO B 546 -8.41 24.95 -14.41
C PRO B 546 -9.65 25.73 -13.96
N GLN B 547 -10.18 26.48 -14.93
CA GLN B 547 -11.39 27.29 -14.68
C GLN B 547 -12.36 26.41 -13.92
N ASN B 548 -12.64 25.17 -14.27
CA ASN B 548 -13.61 24.33 -13.56
C ASN B 548 -13.37 24.07 -12.08
N LEU B 549 -12.11 23.94 -11.67
CA LEU B 549 -11.84 23.71 -10.25
C LEU B 549 -11.93 24.98 -9.44
N VAL B 550 -11.84 26.03 -10.21
CA VAL B 550 -11.84 27.42 -9.73
C VAL B 550 -13.28 27.79 -9.44
N LYS B 551 -14.19 27.06 -10.04
CA LYS B 551 -15.63 27.27 -9.81
C LYS B 551 -16.20 26.27 -8.82
N GLN B 552 -15.85 25.00 -8.95
CA GLN B 552 -16.38 24.01 -7.98
C GLN B 552 -15.95 24.26 -6.57
N ALA B 553 -14.72 24.66 -6.46
CA ALA B 553 -13.96 24.89 -5.20
C ALA B 553 -14.73 25.54 -4.06
N LYS B 554 -15.37 26.62 -4.60
CA LYS B 554 -16.07 27.46 -3.59
C LYS B 554 -16.55 26.57 -2.47
N LEU B 555 -17.43 25.68 -2.90
CA LEU B 555 -18.18 24.78 -1.98
C LEU B 555 -17.40 23.61 -1.45
N THR B 556 -16.44 23.13 -2.21
CA THR B 556 -15.79 21.92 -1.59
C THR B 556 -15.36 22.44 -0.26
#